data_5YG7
#
_entry.id   5YG7
#
_cell.length_a   99.160
_cell.length_b   99.160
_cell.length_c   257.041
_cell.angle_alpha   90.000
_cell.angle_beta   90.000
_cell.angle_gamma   120.000
#
_symmetry.space_group_name_H-M   'P 31 1 2'
#
loop_
_entity.id
_entity.type
_entity.pdbx_description
1 polymer 'Ribose 1,5-bisphosphate isomerase'
2 non-polymer 1,5-di-O-phosphono-alpha-D-ribofuranose
3 non-polymer 'POTASSIUM ION'
4 non-polymer (4R)-2-METHYLPENTANE-2,4-DIOL
5 non-polymer "GUANOSINE-5'-MONOPHOSPHATE"
6 water water
#
_entity_poly.entity_id   1
_entity_poly.type   'polypeptide(L)'
_entity_poly.pdbx_seq_one_letter_code
;MGAMIVKEVYETAEKIKSMEIRGAGRIARAAAQALMIQAEKSKAKEPEELWNELKVASKILYNTRPTAVSLPNALRYVMH
RVKAAYLGGADLETLRFTAINSAKEFIYNSEKAIERIGEIGAKRIEDGDIIMTHCHSKAAISVMKKAFEQGKNIKVIVTE
TRPKWQGKITAKELASYGIPVIYIVDSAARHYMKMTDKVVMGANSITANGAVINKIGTSLIALTAKEHRVWVMIAAETYK
FHPATMLGQLVEIEMRDPTEVIPEEELRTWPKNIEVWNPAFDVTPPEYIDVIITERGIIPPYAAIDILKEEFGWALKYKE
PWED
;
_entity_poly.pdbx_strand_id   A,B,C
#
loop_
_chem_comp.id
_chem_comp.type
_chem_comp.name
_chem_comp.formula
5GP non-polymer GUANOSINE-5'-MONOPHOSPHATE 'C10 H14 N5 O8 P'
K non-polymer 'POTASSIUM ION' 'K 1'
MRD non-polymer (4R)-2-METHYLPENTANE-2,4-DIOL 'C6 H14 O2'
RI2 D-saccharide, alpha linking 1,5-di-O-phosphono-alpha-D-ribofuranose 'C5 H12 O11 P2'
#
# COMPACT_ATOMS: atom_id res chain seq x y z
N ALA A 3 18.67 26.88 -34.66
CA ALA A 3 17.73 25.87 -34.08
C ALA A 3 16.35 25.77 -34.80
N MET A 4 15.67 26.89 -35.09
CA MET A 4 14.50 26.97 -36.03
C MET A 4 13.15 26.42 -35.53
N ILE A 5 12.65 27.11 -34.51
CA ILE A 5 11.46 26.70 -33.78
C ILE A 5 10.24 27.49 -34.25
N VAL A 6 9.14 26.79 -34.40
CA VAL A 6 7.90 27.35 -34.90
C VAL A 6 7.23 28.32 -33.93
N LYS A 7 6.53 29.31 -34.48
CA LYS A 7 5.78 30.29 -33.69
C LYS A 7 5.01 29.64 -32.52
N GLU A 8 4.18 28.64 -32.85
CA GLU A 8 3.25 27.95 -31.91
C GLU A 8 3.90 27.28 -30.68
N VAL A 9 5.15 26.88 -30.78
CA VAL A 9 5.92 26.44 -29.63
C VAL A 9 6.16 27.60 -28.61
N TYR A 10 6.58 28.77 -29.08
CA TYR A 10 6.77 29.93 -28.22
C TYR A 10 5.43 30.43 -27.63
N GLU A 11 4.39 30.54 -28.47
CA GLU A 11 3.10 31.07 -28.03
C GLU A 11 2.44 30.20 -26.95
N THR A 12 2.63 28.89 -27.06
CA THR A 12 2.10 27.92 -26.14
C THR A 12 2.94 28.03 -24.88
N ALA A 13 4.26 28.04 -25.00
CA ALA A 13 5.11 28.06 -23.80
C ALA A 13 4.82 29.31 -22.94
N GLU A 14 4.53 30.42 -23.59
CA GLU A 14 4.34 31.67 -22.88
C GLU A 14 2.88 31.74 -22.36
N LYS A 15 1.95 31.06 -23.01
CA LYS A 15 0.59 30.96 -22.47
C LYS A 15 0.47 29.99 -21.25
N ILE A 16 1.43 29.08 -21.12
CA ILE A 16 1.52 28.18 -19.97
C ILE A 16 2.05 28.98 -18.80
N LYS A 17 3.20 29.65 -19.04
CA LYS A 17 3.80 30.61 -18.12
C LYS A 17 2.82 31.61 -17.55
N SER A 18 2.01 32.25 -18.38
CA SER A 18 1.08 33.28 -17.88
C SER A 18 -0.24 32.71 -17.30
N MET A 19 -0.33 31.38 -17.25
CA MET A 19 -1.57 30.66 -16.98
C MET A 19 -2.76 31.09 -17.77
N GLU A 20 -2.55 31.60 -18.99
CA GLU A 20 -3.65 31.76 -19.95
C GLU A 20 -4.22 30.38 -20.39
N ILE A 21 -3.32 29.39 -20.48
CA ILE A 21 -3.64 27.97 -20.56
C ILE A 21 -3.18 27.41 -19.22
N ARG A 22 -4.13 26.80 -18.52
CA ARG A 22 -3.85 26.23 -17.18
C ARG A 22 -4.62 24.93 -16.96
N GLY A 23 -4.38 24.27 -15.84
CA GLY A 23 -4.94 22.94 -15.58
C GLY A 23 -3.85 21.98 -15.94
N ALA A 24 -3.52 21.08 -15.02
CA ALA A 24 -2.40 20.15 -15.28
C ALA A 24 -2.60 19.26 -16.52
N GLY A 25 -3.84 18.90 -16.79
CA GLY A 25 -4.16 18.08 -17.93
C GLY A 25 -3.97 18.92 -19.17
N ARG A 26 -4.66 20.04 -19.22
CA ARG A 26 -4.68 20.87 -20.40
C ARG A 26 -3.29 21.33 -20.86
N ILE A 27 -2.45 21.74 -19.92
CA ILE A 27 -1.13 22.17 -20.32
C ILE A 27 -0.33 20.99 -20.87
N ALA A 28 -0.66 19.78 -20.45
CA ALA A 28 0.04 18.59 -20.97
C ALA A 28 -0.42 18.30 -22.41
N ARG A 29 -1.71 18.44 -22.68
CA ARG A 29 -2.23 18.35 -24.03
C ARG A 29 -1.68 19.46 -24.90
N ALA A 30 -1.64 20.68 -24.35
CA ALA A 30 -1.09 21.82 -25.07
C ALA A 30 0.38 21.59 -25.42
N ALA A 31 1.15 21.04 -24.50
CA ALA A 31 2.58 20.80 -24.75
C ALA A 31 2.78 19.75 -25.85
N ALA A 32 1.96 18.69 -25.83
CA ALA A 32 1.96 17.70 -26.91
C ALA A 32 1.54 18.30 -28.25
N GLN A 33 0.47 19.08 -28.20
CA GLN A 33 -0.07 19.76 -29.36
C GLN A 33 0.96 20.70 -29.99
N ALA A 34 1.89 21.22 -29.21
CA ALA A 34 2.92 22.08 -29.72
C ALA A 34 4.08 21.31 -30.35
N LEU A 35 4.59 20.24 -29.72
CA LEU A 35 5.55 19.39 -30.41
C LEU A 35 4.91 18.86 -31.73
N MET A 36 3.61 18.56 -31.71
CA MET A 36 2.89 18.17 -32.93
C MET A 36 3.04 19.24 -34.02
N ILE A 37 2.69 20.50 -33.74
CA ILE A 37 2.72 21.57 -34.76
C ILE A 37 4.16 21.88 -35.21
N GLN A 38 5.14 21.71 -34.33
CA GLN A 38 6.54 21.83 -34.73
C GLN A 38 6.89 20.79 -35.82
N ALA A 39 6.53 19.53 -35.60
CA ALA A 39 6.85 18.46 -36.54
C ALA A 39 6.06 18.62 -37.82
N GLU A 40 4.79 19.04 -37.74
CA GLU A 40 3.98 19.35 -38.93
C GLU A 40 4.74 20.34 -39.81
N LYS A 41 4.92 21.57 -39.31
CA LYS A 41 5.43 22.73 -40.08
C LYS A 41 6.96 22.85 -40.19
N SER A 42 7.69 21.89 -39.64
CA SER A 42 9.14 21.90 -39.75
C SER A 42 9.55 21.76 -41.23
N LYS A 43 10.63 22.43 -41.59
CA LYS A 43 11.13 22.46 -42.94
C LYS A 43 12.45 21.71 -43.01
N ALA A 44 12.81 21.01 -41.95
CA ALA A 44 13.99 20.19 -41.96
C ALA A 44 13.90 19.21 -43.12
N LYS A 45 15.07 18.83 -43.64
CA LYS A 45 15.20 17.95 -44.80
C LYS A 45 15.94 16.69 -44.41
N GLU A 46 16.12 16.49 -43.12
CA GLU A 46 16.97 15.42 -42.65
C GLU A 46 16.48 15.01 -41.22
N PRO A 47 16.45 13.71 -40.89
CA PRO A 47 16.11 13.32 -39.52
C PRO A 47 16.83 14.10 -38.39
N GLU A 48 18.15 14.04 -38.37
CA GLU A 48 19.00 14.71 -37.35
C GLU A 48 18.67 16.20 -37.14
N GLU A 49 18.26 16.87 -38.21
CA GLU A 49 17.81 18.26 -38.14
C GLU A 49 16.47 18.37 -37.39
N LEU A 50 15.52 17.47 -37.67
CA LEU A 50 14.19 17.49 -37.05
C LEU A 50 14.22 17.00 -35.61
N TRP A 51 14.96 15.92 -35.38
CA TRP A 51 15.27 15.46 -34.01
C TRP A 51 15.80 16.59 -33.14
N ASN A 52 16.64 17.45 -33.71
CA ASN A 52 17.23 18.58 -32.99
C ASN A 52 16.21 19.68 -32.77
N GLU A 53 15.36 19.92 -33.77
CA GLU A 53 14.20 20.82 -33.62
C GLU A 53 13.26 20.35 -32.44
N LEU A 54 12.96 19.06 -32.40
CA LEU A 54 11.99 18.56 -31.45
C LEU A 54 12.60 18.54 -30.05
N LYS A 55 13.87 18.18 -29.95
CA LYS A 55 14.61 18.32 -28.70
C LYS A 55 14.43 19.71 -28.10
N VAL A 56 14.69 20.75 -28.89
CA VAL A 56 14.76 22.12 -28.42
C VAL A 56 13.40 22.68 -28.09
N ALA A 57 12.39 22.39 -28.91
CA ALA A 57 10.98 22.67 -28.58
C ALA A 57 10.50 22.05 -27.25
N SER A 58 11.04 20.88 -26.94
CA SER A 58 10.69 20.20 -25.74
C SER A 58 11.25 20.94 -24.55
N LYS A 59 12.56 21.22 -24.59
CA LYS A 59 13.25 22.00 -23.56
C LYS A 59 12.51 23.27 -23.23
N ILE A 60 12.08 23.96 -24.26
CA ILE A 60 11.36 25.22 -24.10
C ILE A 60 10.02 25.00 -23.40
N LEU A 61 9.37 23.88 -23.73
CA LEU A 61 8.10 23.58 -23.15
C LEU A 61 8.21 23.06 -21.70
N TYR A 62 9.24 22.29 -21.41
CA TYR A 62 9.56 21.88 -20.04
C TYR A 62 9.80 23.06 -19.11
N ASN A 63 10.49 24.08 -19.63
CA ASN A 63 11.00 25.20 -18.82
C ASN A 63 9.94 26.32 -18.62
N THR A 64 8.67 25.93 -18.46
CA THR A 64 7.58 26.87 -18.33
C THR A 64 7.08 26.94 -16.88
N ARG A 65 6.47 25.83 -16.42
CA ARG A 65 5.96 25.67 -15.06
C ARG A 65 6.43 24.32 -14.57
N PRO A 66 6.96 24.23 -13.31
CA PRO A 66 7.63 23.00 -12.86
C PRO A 66 6.80 21.96 -12.12
N THR A 67 5.67 22.32 -11.54
CA THR A 67 5.11 21.47 -10.50
C THR A 67 4.27 20.34 -11.05
N ALA A 68 3.43 20.63 -12.04
CA ALA A 68 2.59 19.59 -12.63
C ALA A 68 3.46 18.70 -13.54
N VAL A 69 3.83 17.53 -13.06
CA VAL A 69 4.56 16.52 -13.84
C VAL A 69 3.78 16.02 -15.06
N SER A 70 2.50 16.39 -15.21
CA SER A 70 1.74 16.06 -16.40
C SER A 70 2.40 16.58 -17.68
N LEU A 71 3.01 17.75 -17.59
CA LEU A 71 3.66 18.40 -18.71
C LEU A 71 4.86 17.58 -19.18
N PRO A 72 5.83 17.34 -18.32
CA PRO A 72 6.96 16.50 -18.79
C PRO A 72 6.63 15.07 -19.11
N ASN A 73 5.49 14.56 -18.63
CA ASN A 73 5.08 13.18 -18.94
C ASN A 73 4.55 13.15 -20.36
N ALA A 74 3.97 14.25 -20.79
CA ALA A 74 3.46 14.38 -22.14
C ALA A 74 4.62 14.47 -23.14
N LEU A 75 5.67 15.19 -22.78
CA LEU A 75 6.84 15.40 -23.61
C LEU A 75 7.59 14.08 -23.68
N ARG A 76 7.74 13.42 -22.55
CA ARG A 76 8.29 12.07 -22.48
C ARG A 76 7.53 11.11 -23.38
N TYR A 77 6.21 11.22 -23.43
CA TYR A 77 5.37 10.30 -24.20
C TYR A 77 5.65 10.45 -25.70
N VAL A 78 5.83 11.68 -26.19
CA VAL A 78 6.14 11.92 -27.59
C VAL A 78 7.59 11.56 -27.83
N MET A 79 8.48 12.23 -27.11
CA MET A 79 9.90 12.07 -27.32
C MET A 79 10.58 10.75 -26.94
N HIS A 80 9.99 9.91 -26.10
CA HIS A 80 10.56 8.54 -25.93
C HIS A 80 10.43 7.76 -27.25
N ARG A 81 9.28 7.96 -27.89
CA ARG A 81 8.98 7.35 -29.14
C ARG A 81 9.78 8.00 -30.28
N VAL A 82 9.83 9.33 -30.33
CA VAL A 82 10.58 10.02 -31.37
C VAL A 82 12.03 9.61 -31.27
N LYS A 83 12.59 9.56 -30.06
CA LYS A 83 13.99 9.17 -29.87
C LYS A 83 14.28 7.71 -30.23
N ALA A 84 13.33 6.84 -29.97
CA ALA A 84 13.49 5.43 -30.30
C ALA A 84 13.52 5.25 -31.82
N ALA A 85 12.63 5.94 -32.54
CA ALA A 85 12.59 5.91 -33.99
C ALA A 85 13.88 6.48 -34.58
N TYR A 86 14.28 7.69 -34.17
CA TYR A 86 15.49 8.33 -34.72
C TYR A 86 16.68 7.41 -34.51
N LEU A 87 16.97 7.04 -33.26
CA LEU A 87 18.08 6.11 -32.99
C LEU A 87 17.96 4.76 -33.72
N GLY A 88 16.73 4.36 -34.05
CA GLY A 88 16.50 3.16 -34.86
C GLY A 88 16.93 3.27 -36.31
N GLY A 89 16.99 4.49 -36.84
CA GLY A 89 17.39 4.75 -38.22
C GLY A 89 16.34 5.44 -39.05
N ALA A 90 15.13 5.62 -38.51
CA ALA A 90 14.04 6.30 -39.20
C ALA A 90 14.43 7.47 -40.10
N ASP A 91 13.91 7.47 -41.31
CA ASP A 91 14.08 8.60 -42.24
C ASP A 91 13.17 9.73 -41.77
N LEU A 92 13.31 10.89 -42.40
CA LEU A 92 12.52 12.08 -42.09
C LEU A 92 11.04 11.81 -41.89
N GLU A 93 10.37 11.27 -42.90
CA GLU A 93 8.90 11.21 -42.83
C GLU A 93 8.41 10.21 -41.79
N THR A 94 9.25 9.22 -41.50
CA THR A 94 8.99 8.26 -40.47
C THR A 94 9.05 8.99 -39.12
N LEU A 95 10.12 9.75 -38.91
CA LEU A 95 10.28 10.54 -37.67
C LEU A 95 9.20 11.57 -37.52
N ARG A 96 8.83 12.23 -38.61
CA ARG A 96 7.81 13.26 -38.50
C ARG A 96 6.51 12.62 -38.15
N PHE A 97 6.22 11.46 -38.74
CA PHE A 97 4.93 10.86 -38.46
C PHE A 97 4.91 10.36 -37.01
N THR A 98 5.97 9.65 -36.59
CA THR A 98 6.14 9.22 -35.21
C THR A 98 5.76 10.35 -34.24
N ALA A 99 6.34 11.53 -34.43
CA ALA A 99 6.10 12.66 -33.52
C ALA A 99 4.66 13.13 -33.59
N ILE A 100 4.18 13.41 -34.80
CA ILE A 100 2.82 13.86 -34.98
C ILE A 100 1.83 12.87 -34.36
N ASN A 101 2.10 11.57 -34.51
CA ASN A 101 1.13 10.57 -34.11
C ASN A 101 1.20 10.27 -32.61
N SER A 102 2.38 9.94 -32.10
CA SER A 102 2.64 10.00 -30.67
C SER A 102 1.86 11.10 -29.97
N ALA A 103 2.05 12.36 -30.37
CA ALA A 103 1.35 13.44 -29.69
C ALA A 103 -0.17 13.33 -29.80
N LYS A 104 -0.70 12.82 -30.92
CA LYS A 104 -2.17 12.63 -31.09
C LYS A 104 -2.73 11.55 -30.14
N GLU A 105 -1.95 10.46 -29.99
CA GLU A 105 -2.21 9.38 -29.04
C GLU A 105 -2.38 9.99 -27.61
N PHE A 106 -1.31 10.62 -27.07
CA PHE A 106 -1.36 11.33 -25.80
C PHE A 106 -2.59 12.21 -25.63
N ILE A 107 -2.92 13.00 -26.65
CA ILE A 107 -4.09 13.87 -26.58
C ILE A 107 -5.42 13.12 -26.50
N TYR A 108 -5.53 12.04 -27.28
CA TYR A 108 -6.76 11.20 -27.36
C TYR A 108 -6.89 10.44 -26.03
N ASN A 109 -5.82 9.78 -25.63
CA ASN A 109 -5.72 9.14 -24.30
C ASN A 109 -6.00 10.03 -23.08
N SER A 110 -5.60 11.31 -23.14
CA SER A 110 -5.88 12.22 -22.05
C SER A 110 -7.35 12.50 -22.04
N GLU A 111 -7.94 12.84 -23.18
CA GLU A 111 -9.38 13.04 -23.24
C GLU A 111 -10.19 11.83 -22.76
N LYS A 112 -9.78 10.61 -23.14
CA LYS A 112 -10.53 9.41 -22.81
C LYS A 112 -10.38 9.11 -21.34
N ALA A 113 -9.15 9.27 -20.84
CA ALA A 113 -8.82 9.05 -19.43
C ALA A 113 -9.70 9.88 -18.51
N ILE A 114 -9.94 11.14 -18.89
CA ILE A 114 -10.75 12.04 -18.10
C ILE A 114 -12.19 11.59 -18.10
N GLU A 115 -12.75 11.27 -19.25
CA GLU A 115 -14.16 10.78 -19.31
C GLU A 115 -14.37 9.53 -18.42
N ARG A 116 -13.38 8.64 -18.49
CA ARG A 116 -13.32 7.39 -17.74
C ARG A 116 -13.29 7.60 -16.19
N ILE A 117 -12.39 8.47 -15.76
CA ILE A 117 -12.31 8.89 -14.40
C ILE A 117 -13.70 9.40 -13.91
N GLY A 118 -14.42 10.10 -14.76
CA GLY A 118 -15.71 10.57 -14.35
C GLY A 118 -16.70 9.45 -14.08
N GLU A 119 -16.67 8.43 -14.93
CA GLU A 119 -17.59 7.27 -14.83
C GLU A 119 -17.27 6.45 -13.59
N ILE A 120 -15.99 6.31 -13.31
CA ILE A 120 -15.60 5.52 -12.19
C ILE A 120 -15.93 6.29 -10.91
N GLY A 121 -15.38 7.49 -10.79
CA GLY A 121 -15.60 8.33 -9.64
C GLY A 121 -17.06 8.59 -9.33
N ALA A 122 -17.91 8.70 -10.33
CA ALA A 122 -19.32 8.97 -10.05
C ALA A 122 -20.01 7.84 -9.32
N LYS A 123 -19.51 6.61 -9.44
CA LYS A 123 -20.08 5.47 -8.65
C LYS A 123 -19.88 5.62 -7.15
N ARG A 124 -18.84 6.38 -6.74
CA ARG A 124 -18.61 6.73 -5.35
C ARG A 124 -19.46 7.95 -4.88
N ILE A 125 -20.30 8.53 -5.78
CA ILE A 125 -21.19 9.64 -5.43
C ILE A 125 -22.59 9.11 -5.31
N GLU A 126 -23.30 9.53 -4.26
CA GLU A 126 -24.64 9.03 -3.98
C GLU A 126 -25.58 10.18 -4.10
N ASP A 127 -26.78 9.83 -4.45
CA ASP A 127 -27.86 10.74 -4.54
C ASP A 127 -27.98 11.55 -3.22
N GLY A 128 -28.22 12.85 -3.36
CA GLY A 128 -28.32 13.77 -2.22
C GLY A 128 -26.97 14.34 -1.74
N ASP A 129 -25.87 13.88 -2.32
CA ASP A 129 -24.57 14.25 -1.81
C ASP A 129 -24.33 15.72 -2.06
N ILE A 130 -23.81 16.35 -1.02
CA ILE A 130 -23.15 17.65 -1.12
C ILE A 130 -21.67 17.43 -1.24
N ILE A 131 -21.09 17.84 -2.37
CA ILE A 131 -19.66 17.64 -2.61
C ILE A 131 -18.94 18.96 -2.51
N MET A 132 -17.86 19.03 -1.73
CA MET A 132 -17.01 20.20 -1.72
C MET A 132 -15.85 19.94 -2.65
N THR A 133 -15.54 20.91 -3.52
CA THR A 133 -14.36 20.87 -4.39
C THR A 133 -13.45 22.10 -4.13
N HIS A 134 -12.30 22.11 -4.78
CA HIS A 134 -11.34 23.20 -4.69
C HIS A 134 -10.71 23.39 -6.07
N CYS A 135 -10.30 24.65 -6.35
CA CYS A 135 -9.77 25.06 -7.65
C CYS A 135 -10.72 24.66 -8.77
N HIS A 136 -10.15 24.39 -9.96
CA HIS A 136 -10.89 23.96 -11.15
C HIS A 136 -10.13 22.84 -11.78
N SER A 137 -10.65 21.63 -11.63
CA SER A 137 -9.97 20.44 -12.08
C SER A 137 -10.97 19.77 -12.96
N LYS A 138 -10.49 19.50 -14.17
CA LYS A 138 -11.30 18.90 -15.17
C LYS A 138 -11.66 17.48 -14.69
N ALA A 139 -10.67 16.77 -14.14
CA ALA A 139 -10.92 15.42 -13.63
C ALA A 139 -12.03 15.41 -12.57
N ALA A 140 -11.94 16.29 -11.57
CA ALA A 140 -12.94 16.36 -10.51
C ALA A 140 -14.29 16.76 -11.02
N ILE A 141 -14.30 17.71 -11.95
CA ILE A 141 -15.54 18.10 -12.62
C ILE A 141 -16.15 16.95 -13.42
N SER A 142 -15.32 16.11 -14.01
CA SER A 142 -15.85 14.98 -14.78
C SER A 142 -16.72 14.08 -13.89
N VAL A 143 -16.25 13.87 -12.66
CA VAL A 143 -16.93 13.04 -11.68
C VAL A 143 -18.25 13.66 -11.28
N MET A 144 -18.20 14.95 -11.01
CA MET A 144 -19.40 15.65 -10.61
C MET A 144 -20.43 15.69 -11.73
N LYS A 145 -19.97 16.08 -12.90
CA LYS A 145 -20.82 16.17 -14.08
C LYS A 145 -21.49 14.83 -14.33
N LYS A 146 -20.71 13.76 -14.32
CA LYS A 146 -21.22 12.43 -14.62
C LYS A 146 -22.21 11.99 -13.59
N ALA A 147 -21.93 12.29 -12.32
CA ALA A 147 -22.88 11.96 -11.27
C ALA A 147 -24.21 12.62 -11.53
N PHE A 148 -24.17 13.90 -11.89
CA PHE A 148 -25.39 14.63 -12.18
C PHE A 148 -26.17 14.06 -13.39
N GLU A 149 -25.48 13.74 -14.48
CA GLU A 149 -26.10 13.09 -15.64
C GLU A 149 -26.75 11.76 -15.26
N GLN A 150 -26.17 11.07 -14.28
CA GLN A 150 -26.85 9.85 -13.75
C GLN A 150 -28.11 10.12 -12.92
N GLY A 151 -28.48 11.38 -12.70
CA GLY A 151 -29.72 11.78 -11.98
C GLY A 151 -29.55 11.80 -10.46
N LYS A 152 -28.32 11.75 -9.97
CA LYS A 152 -28.08 11.98 -8.55
C LYS A 152 -28.28 13.48 -8.34
N ASN A 153 -29.08 13.82 -7.34
CA ASN A 153 -29.38 15.23 -7.09
C ASN A 153 -28.26 15.71 -6.20
N ILE A 154 -27.26 16.37 -6.76
CA ILE A 154 -26.11 16.84 -5.99
C ILE A 154 -26.08 18.35 -5.88
N LYS A 155 -25.20 18.85 -5.02
CA LYS A 155 -24.87 20.29 -4.90
C LYS A 155 -23.42 20.34 -4.66
N VAL A 156 -22.74 21.29 -5.24
CA VAL A 156 -21.32 21.36 -5.08
C VAL A 156 -20.99 22.66 -4.39
N ILE A 157 -20.28 22.53 -3.29
CA ILE A 157 -19.68 23.67 -2.62
C ILE A 157 -18.39 23.97 -3.36
N VAL A 158 -18.29 25.15 -3.93
CA VAL A 158 -17.09 25.53 -4.68
C VAL A 158 -16.34 26.59 -3.90
N THR A 159 -15.07 26.36 -3.69
CA THR A 159 -14.23 27.34 -3.04
C THR A 159 -13.55 28.21 -4.10
N GLU A 160 -13.58 29.51 -3.85
CA GLU A 160 -13.14 30.51 -4.81
C GLU A 160 -11.73 30.27 -5.28
N THR A 161 -10.88 29.87 -4.35
CA THR A 161 -9.50 29.43 -4.65
C THR A 161 -8.56 30.60 -4.97
N ARG A 162 -8.19 31.31 -3.92
CA ARG A 162 -7.23 32.39 -4.03
C ARG A 162 -5.86 31.83 -4.36
N PRO A 163 -4.93 32.62 -4.96
CA PRO A 163 -5.17 33.99 -5.46
C PRO A 163 -5.87 34.11 -6.80
N LYS A 164 -5.82 33.08 -7.64
CA LYS A 164 -6.16 33.28 -9.05
C LYS A 164 -7.60 33.09 -9.35
N TRP A 165 -8.40 32.73 -8.38
CA TRP A 165 -9.86 32.67 -8.50
C TRP A 165 -10.46 31.58 -9.41
N GLN A 166 -9.80 30.43 -9.52
CA GLN A 166 -10.24 29.40 -10.48
C GLN A 166 -11.63 28.88 -10.17
N GLY A 167 -11.95 28.90 -8.87
CA GLY A 167 -13.27 28.66 -8.39
C GLY A 167 -14.39 29.37 -9.13
N LYS A 168 -14.14 30.57 -9.64
CA LYS A 168 -15.17 31.23 -10.45
C LYS A 168 -15.51 30.40 -11.70
N ILE A 169 -14.47 29.81 -12.28
CA ILE A 169 -14.59 29.03 -13.49
C ILE A 169 -15.41 27.81 -13.14
N THR A 170 -14.96 27.11 -12.10
CA THR A 170 -15.67 25.94 -11.60
C THR A 170 -17.15 26.19 -11.35
N ALA A 171 -17.47 27.30 -10.66
CA ALA A 171 -18.87 27.57 -10.34
C ALA A 171 -19.74 27.82 -11.58
N LYS A 172 -19.23 28.56 -12.55
CA LYS A 172 -20.04 28.86 -13.75
C LYS A 172 -20.17 27.62 -14.58
N GLU A 173 -19.07 26.87 -14.66
CA GLU A 173 -19.08 25.58 -15.38
C GLU A 173 -20.12 24.58 -14.84
N LEU A 174 -20.07 24.25 -13.54
CA LEU A 174 -21.10 23.36 -12.95
C LEU A 174 -22.51 23.94 -13.01
N ALA A 175 -22.69 25.23 -12.81
CA ALA A 175 -24.04 25.81 -12.89
C ALA A 175 -24.59 25.72 -14.32
N SER A 176 -23.71 25.91 -15.30
CA SER A 176 -24.12 25.79 -16.68
C SER A 176 -24.51 24.35 -17.05
N TYR A 177 -23.98 23.29 -16.41
CA TYR A 177 -24.50 21.90 -16.63
C TYR A 177 -25.74 21.60 -15.82
N GLY A 178 -26.23 22.53 -15.00
CA GLY A 178 -27.46 22.35 -14.20
C GLY A 178 -27.28 22.13 -12.70
N ILE A 179 -26.01 21.97 -12.28
CA ILE A 179 -25.67 21.53 -10.94
C ILE A 179 -25.74 22.76 -10.06
N PRO A 180 -26.56 22.71 -8.99
CA PRO A 180 -26.54 23.75 -7.95
C PRO A 180 -25.17 23.90 -7.29
N VAL A 181 -24.74 25.16 -7.13
CA VAL A 181 -23.45 25.50 -6.58
C VAL A 181 -23.60 26.38 -5.35
N ILE A 182 -22.79 26.12 -4.33
CA ILE A 182 -22.67 27.00 -3.18
C ILE A 182 -21.27 27.54 -3.24
N TYR A 183 -21.13 28.87 -3.42
CA TYR A 183 -19.80 29.50 -3.55
C TYR A 183 -19.43 30.11 -2.22
N ILE A 184 -18.25 29.72 -1.71
CA ILE A 184 -17.70 30.20 -0.45
C ILE A 184 -16.24 30.55 -0.60
N VAL A 185 -15.74 31.29 0.40
CA VAL A 185 -14.30 31.55 0.46
C VAL A 185 -13.54 30.34 1.04
N ASP A 186 -12.24 30.26 0.75
CA ASP A 186 -11.41 29.12 1.17
C ASP A 186 -11.47 28.92 2.68
N SER A 187 -11.53 30.05 3.38
CA SER A 187 -11.59 30.12 4.85
C SER A 187 -12.80 29.40 5.44
N ALA A 188 -13.89 29.30 4.68
CA ALA A 188 -15.12 28.68 5.14
C ALA A 188 -15.19 27.15 5.03
N ALA A 189 -14.07 26.53 4.61
CA ALA A 189 -14.05 25.11 4.32
C ALA A 189 -14.38 24.31 5.53
N ARG A 190 -13.79 24.62 6.69
CA ARG A 190 -14.15 23.90 7.95
C ARG A 190 -15.57 24.11 8.47
N HIS A 191 -16.03 25.35 8.41
CA HIS A 191 -17.33 25.72 8.81
C HIS A 191 -18.34 24.92 8.04
N TYR A 192 -18.10 24.68 6.77
CA TYR A 192 -19.11 23.96 5.96
C TYR A 192 -18.76 22.47 5.73
N MET A 193 -17.68 21.98 6.31
CA MET A 193 -17.39 20.56 6.24
C MET A 193 -18.42 19.66 6.93
N LYS A 194 -19.14 20.15 7.96
CA LYS A 194 -20.19 19.33 8.64
C LYS A 194 -21.35 18.96 7.68
N MET A 195 -21.75 19.87 6.78
CA MET A 195 -22.81 19.59 5.80
C MET A 195 -22.31 18.86 4.56
N THR A 196 -21.00 18.77 4.41
CA THR A 196 -20.37 18.10 3.23
C THR A 196 -20.32 16.54 3.33
N ASP A 197 -20.78 15.85 2.29
CA ASP A 197 -20.70 14.35 2.25
C ASP A 197 -19.39 13.78 1.62
N LYS A 198 -18.84 14.50 0.66
CA LYS A 198 -17.73 14.05 -0.16
C LYS A 198 -16.92 15.25 -0.61
N VAL A 199 -15.60 15.08 -0.60
CA VAL A 199 -14.69 16.02 -1.22
C VAL A 199 -14.03 15.42 -2.48
N VAL A 200 -14.01 16.21 -3.54
CA VAL A 200 -13.51 15.77 -4.86
C VAL A 200 -12.63 16.87 -5.49
N MET A 201 -11.36 16.54 -5.58
CA MET A 201 -10.33 17.50 -5.98
C MET A 201 -9.42 16.81 -6.98
N GLY A 202 -8.61 17.63 -7.67
CA GLY A 202 -7.71 17.13 -8.73
C GLY A 202 -6.30 17.01 -8.21
N ALA A 203 -5.34 16.72 -9.11
CA ALA A 203 -3.92 16.62 -8.79
C ALA A 203 -3.07 17.21 -9.89
N ASN A 204 -1.89 17.69 -9.49
CA ASN A 204 -0.90 18.16 -10.45
C ASN A 204 0.25 17.21 -10.45
N SER A 205 0.62 16.70 -9.28
CA SER A 205 1.63 15.65 -9.16
C SER A 205 1.26 14.73 -8.02
N ILE A 206 1.46 13.42 -8.20
CA ILE A 206 1.26 12.43 -7.19
C ILE A 206 2.56 11.68 -6.99
N THR A 207 3.01 11.62 -5.77
CA THR A 207 4.36 11.16 -5.55
C THR A 207 4.32 9.67 -5.18
N ALA A 208 5.49 9.05 -5.20
CA ALA A 208 5.70 7.64 -4.98
C ALA A 208 5.10 7.16 -3.69
N ASN A 209 5.24 7.97 -2.66
CA ASN A 209 4.72 7.61 -1.38
C ASN A 209 3.25 7.98 -1.17
N GLY A 210 2.55 8.44 -2.20
CA GLY A 210 1.15 8.72 -2.07
C GLY A 210 0.70 10.15 -1.85
N ALA A 211 1.63 11.06 -1.54
CA ALA A 211 1.30 12.50 -1.41
C ALA A 211 0.76 13.08 -2.69
N VAL A 212 0.00 14.15 -2.58
CA VAL A 212 -0.73 14.78 -3.70
C VAL A 212 -0.43 16.27 -3.66
N ILE A 213 0.29 16.75 -4.69
CA ILE A 213 0.54 18.13 -4.89
C ILE A 213 -0.56 18.60 -5.79
N ASN A 214 -1.32 19.59 -5.32
CA ASN A 214 -2.53 20.14 -6.00
C ASN A 214 -2.65 21.58 -5.57
N LYS A 215 -3.60 22.35 -6.10
CA LYS A 215 -3.69 23.80 -5.80
C LYS A 215 -3.57 24.17 -4.28
N ILE A 216 -2.87 25.26 -3.99
CA ILE A 216 -2.71 25.77 -2.63
C ILE A 216 -4.04 25.82 -1.93
N GLY A 217 -4.02 25.29 -0.70
CA GLY A 217 -5.21 25.10 0.13
C GLY A 217 -5.80 23.70 0.18
N THR A 218 -5.34 22.85 -0.72
CA THR A 218 -5.86 21.48 -0.85
C THR A 218 -5.58 20.72 0.47
N SER A 219 -4.39 20.89 1.01
CA SER A 219 -4.04 20.25 2.24
C SER A 219 -4.91 20.65 3.43
N LEU A 220 -5.47 21.86 3.42
CA LEU A 220 -6.34 22.28 4.50
C LEU A 220 -7.67 21.64 4.34
N ILE A 221 -8.17 21.61 3.12
CA ILE A 221 -9.46 20.99 2.91
C ILE A 221 -9.42 19.50 3.28
N ALA A 222 -8.31 18.87 2.98
CA ALA A 222 -8.14 17.47 3.15
C ALA A 222 -8.04 17.17 4.65
N LEU A 223 -7.25 17.99 5.34
CA LEU A 223 -7.00 17.86 6.76
C LEU A 223 -8.31 17.86 7.54
N THR A 224 -9.15 18.87 7.28
CA THR A 224 -10.36 19.02 7.99
C THR A 224 -11.42 18.09 7.50
N ALA A 225 -11.32 17.58 6.26
CA ALA A 225 -12.19 16.47 5.81
C ALA A 225 -11.90 15.18 6.65
N LYS A 226 -10.64 14.94 6.95
CA LYS A 226 -10.27 13.77 7.76
C LYS A 226 -10.87 13.94 9.18
N GLU A 227 -10.64 15.12 9.77
CA GLU A 227 -11.24 15.54 11.05
C GLU A 227 -12.72 15.15 11.19
N HIS A 228 -13.47 15.32 10.12
CA HIS A 228 -14.90 15.14 10.09
C HIS A 228 -15.35 13.81 9.45
N ARG A 229 -14.39 12.92 9.14
CA ARG A 229 -14.65 11.70 8.36
C ARG A 229 -15.40 11.91 7.07
N VAL A 230 -15.07 12.93 6.30
CA VAL A 230 -15.56 13.06 4.94
C VAL A 230 -14.57 12.44 3.94
N TRP A 231 -15.07 11.64 2.98
CA TRP A 231 -14.14 11.00 2.00
C TRP A 231 -13.44 12.12 1.18
N VAL A 232 -12.12 12.04 1.13
CA VAL A 232 -11.35 12.86 0.22
C VAL A 232 -11.04 12.05 -1.02
N MET A 233 -11.69 12.35 -2.14
CA MET A 233 -11.38 11.66 -3.42
C MET A 233 -10.54 12.56 -4.37
N ILE A 234 -9.35 12.11 -4.73
CA ILE A 234 -8.53 12.77 -5.72
C ILE A 234 -8.70 12.09 -7.09
N ALA A 235 -9.30 12.81 -8.02
CA ALA A 235 -9.41 12.41 -9.44
C ALA A 235 -8.16 12.80 -10.28
N ALA A 236 -7.43 11.82 -10.76
CA ALA A 236 -6.17 12.09 -11.42
C ALA A 236 -5.76 11.00 -12.44
N GLU A 237 -5.45 11.47 -13.66
CA GLU A 237 -4.96 10.60 -14.75
C GLU A 237 -3.60 10.03 -14.33
N THR A 238 -3.21 8.88 -14.87
CA THR A 238 -1.96 8.22 -14.48
C THR A 238 -0.72 9.04 -14.83
N TYR A 239 -0.83 9.95 -15.78
CA TYR A 239 0.30 10.82 -16.10
C TYR A 239 0.42 12.03 -15.12
N LYS A 240 -0.46 12.11 -14.11
CA LYS A 240 -0.27 13.03 -13.00
C LYS A 240 0.71 12.45 -12.02
N PHE A 241 1.06 11.15 -12.17
CA PHE A 241 1.96 10.49 -11.25
C PHE A 241 3.43 10.72 -11.62
N HIS A 242 4.29 10.82 -10.60
CA HIS A 242 5.58 11.47 -10.74
C HIS A 242 6.74 10.52 -10.66
N PRO A 243 7.32 10.15 -11.83
CA PRO A 243 8.40 9.18 -11.91
C PRO A 243 9.55 9.42 -10.98
N ALA A 244 10.04 10.64 -10.96
CA ALA A 244 11.31 10.90 -10.36
C ALA A 244 11.24 10.81 -8.84
N THR A 245 10.02 10.94 -8.28
CA THR A 245 9.83 10.76 -6.84
C THR A 245 10.23 9.32 -6.39
N MET A 246 10.16 8.33 -7.27
CA MET A 246 10.72 6.99 -6.98
C MET A 246 12.19 6.97 -6.56
N LEU A 247 13.00 7.90 -7.04
CA LEU A 247 14.41 7.86 -6.62
C LEU A 247 14.80 9.03 -5.71
N GLY A 248 13.79 9.65 -5.09
CA GLY A 248 13.99 10.52 -3.93
C GLY A 248 13.68 11.97 -4.19
N GLN A 249 13.26 12.28 -5.40
CA GLN A 249 13.11 13.63 -5.90
C GLN A 249 12.00 14.35 -5.13
N LEU A 250 12.33 15.52 -4.57
CA LEU A 250 11.29 16.43 -4.05
C LEU A 250 10.78 17.22 -5.18
N VAL A 251 9.48 17.40 -5.22
CA VAL A 251 8.81 18.11 -6.29
C VAL A 251 8.95 19.57 -5.92
N GLU A 252 9.39 20.40 -6.86
CA GLU A 252 9.46 21.85 -6.62
C GLU A 252 8.06 22.47 -6.55
N ILE A 253 7.85 23.37 -5.60
CA ILE A 253 6.60 24.10 -5.51
C ILE A 253 6.74 25.46 -6.16
N GLU A 254 5.89 25.71 -7.13
CA GLU A 254 6.01 26.90 -7.92
C GLU A 254 5.63 28.12 -7.07
N MET A 255 6.57 29.08 -6.96
CA MET A 255 6.32 30.40 -6.35
C MET A 255 6.05 31.33 -7.52
N ARG A 256 4.81 31.72 -7.69
CA ARG A 256 4.38 32.72 -8.64
C ARG A 256 4.40 34.18 -8.11
N ASP A 257 4.09 35.13 -8.97
CA ASP A 257 4.42 36.50 -8.74
C ASP A 257 3.54 37.11 -7.65
N PRO A 258 4.14 37.85 -6.69
CA PRO A 258 3.41 38.58 -5.66
C PRO A 258 2.17 39.32 -6.13
N THR A 259 2.16 39.82 -7.37
CA THR A 259 1.01 40.61 -7.86
C THR A 259 -0.29 39.85 -8.16
N GLU A 260 -0.20 38.51 -8.21
CA GLU A 260 -1.40 37.69 -8.28
C GLU A 260 -2.23 37.88 -7.00
N VAL A 261 -1.52 38.13 -5.88
CA VAL A 261 -2.12 38.39 -4.56
C VAL A 261 -2.54 39.87 -4.27
N ILE A 262 -1.53 40.74 -4.36
CA ILE A 262 -1.67 42.17 -4.20
C ILE A 262 -1.38 42.80 -5.54
N PRO A 263 -2.43 43.35 -6.19
CA PRO A 263 -2.16 44.02 -7.51
C PRO A 263 -1.00 45.02 -7.47
N GLU A 264 -0.27 45.10 -8.59
CA GLU A 264 0.81 46.07 -8.81
C GLU A 264 0.52 47.51 -8.32
N GLU A 265 -0.67 48.02 -8.66
CA GLU A 265 -1.09 49.41 -8.31
C GLU A 265 -1.06 49.64 -6.82
N GLU A 266 -1.27 48.58 -6.07
CA GLU A 266 -1.30 48.65 -4.63
C GLU A 266 0.01 48.21 -3.97
N LEU A 267 0.63 47.17 -4.50
CA LEU A 267 1.79 46.61 -3.85
C LEU A 267 2.96 47.57 -3.84
N ARG A 268 3.05 48.39 -4.87
CA ARG A 268 4.13 49.36 -4.96
C ARG A 268 4.10 50.39 -3.82
N THR A 269 2.91 50.66 -3.29
CA THR A 269 2.69 51.57 -2.15
C THR A 269 3.01 50.97 -0.79
N TRP A 270 3.17 49.65 -0.69
CA TRP A 270 3.36 48.97 0.58
C TRP A 270 4.82 48.98 1.06
N PRO A 271 5.01 49.01 2.39
CA PRO A 271 6.36 49.07 2.93
C PRO A 271 7.23 47.94 2.48
N LYS A 272 8.52 48.21 2.45
CA LYS A 272 9.52 47.26 1.98
C LYS A 272 9.56 45.99 2.82
N ASN A 273 9.19 46.07 4.13
CA ASN A 273 9.34 44.95 5.08
CA ASN A 273 9.33 44.98 5.13
C ASN A 273 8.15 43.98 5.09
N ILE A 274 7.21 44.14 4.15
CA ILE A 274 6.24 43.11 3.85
C ILE A 274 6.71 42.34 2.61
N GLU A 275 6.97 41.01 2.72
CA GLU A 275 7.17 40.12 1.56
C GLU A 275 5.87 39.38 1.32
N VAL A 276 5.42 39.34 0.08
CA VAL A 276 4.24 38.60 -0.31
C VAL A 276 4.74 37.28 -0.86
N TRP A 277 4.20 36.17 -0.36
CA TRP A 277 4.62 34.81 -0.77
C TRP A 277 3.44 34.09 -1.34
N ASN A 278 3.57 33.64 -2.59
CA ASN A 278 2.46 33.06 -3.36
C ASN A 278 2.82 31.71 -3.92
N PRO A 279 2.83 30.66 -3.06
CA PRO A 279 2.99 29.28 -3.54
C PRO A 279 1.74 28.85 -4.28
N ALA A 280 1.92 28.25 -5.45
CA ALA A 280 0.80 27.81 -6.30
C ALA A 280 0.16 26.48 -5.86
N PHE A 281 0.85 25.71 -5.01
CA PHE A 281 0.46 24.35 -4.69
C PHE A 281 0.88 24.07 -3.24
N ASP A 282 0.29 23.03 -2.65
CA ASP A 282 0.77 22.44 -1.43
C ASP A 282 0.67 20.91 -1.50
N VAL A 283 1.23 20.28 -0.49
CA VAL A 283 1.41 18.85 -0.42
C VAL A 283 0.44 18.32 0.62
N THR A 284 -0.52 17.53 0.15
CA THR A 284 -1.46 16.80 0.99
C THR A 284 -0.90 15.40 1.27
N PRO A 285 -0.66 15.08 2.52
CA PRO A 285 -0.09 13.75 2.75
C PRO A 285 -1.09 12.61 2.57
N PRO A 286 -0.60 11.39 2.23
CA PRO A 286 -1.44 10.24 1.87
C PRO A 286 -2.55 9.92 2.90
N GLU A 287 -2.21 9.87 4.18
CA GLU A 287 -3.20 9.71 5.32
C GLU A 287 -4.48 10.51 5.23
N TYR A 288 -4.42 11.66 4.60
CA TYR A 288 -5.63 12.43 4.44
C TYR A 288 -6.37 12.18 3.14
N ILE A 289 -5.92 11.21 2.35
CA ILE A 289 -6.60 10.85 1.10
C ILE A 289 -7.21 9.46 1.21
N ASP A 290 -8.50 9.32 0.82
CA ASP A 290 -9.15 8.01 0.87
C ASP A 290 -8.87 7.21 -0.38
N VAL A 291 -9.13 7.79 -1.54
CA VAL A 291 -8.80 7.19 -2.82
C VAL A 291 -8.31 8.20 -3.83
N ILE A 292 -7.45 7.70 -4.69
CA ILE A 292 -7.10 8.35 -5.95
C ILE A 292 -7.88 7.60 -7.01
N ILE A 293 -8.67 8.32 -7.79
CA ILE A 293 -9.38 7.72 -8.91
C ILE A 293 -8.56 7.93 -10.18
N THR A 294 -8.02 6.85 -10.79
CA THR A 294 -7.39 6.89 -12.12
C THR A 294 -8.32 6.35 -13.19
N GLU A 295 -7.89 6.43 -14.45
CA GLU A 295 -8.68 5.89 -15.56
C GLU A 295 -8.63 4.34 -15.57
N ARG A 296 -7.63 3.78 -14.87
CA ARG A 296 -7.57 2.33 -14.60
C ARG A 296 -8.12 1.93 -13.24
N GLY A 297 -8.98 2.78 -12.65
CA GLY A 297 -9.63 2.46 -11.38
C GLY A 297 -9.13 3.10 -10.10
N ILE A 298 -9.82 2.73 -9.02
CA ILE A 298 -9.73 3.27 -7.67
C ILE A 298 -8.51 2.71 -7.02
N ILE A 299 -7.66 3.55 -6.45
CA ILE A 299 -6.57 3.02 -5.65
C ILE A 299 -6.43 3.69 -4.29
N PRO A 300 -5.89 2.98 -3.33
CA PRO A 300 -5.48 3.73 -2.17
C PRO A 300 -4.31 4.59 -2.54
N PRO A 301 -4.09 5.68 -1.81
CA PRO A 301 -3.01 6.52 -2.27
C PRO A 301 -1.63 5.87 -2.13
N TYR A 302 -1.46 4.94 -1.21
CA TYR A 302 -0.18 4.25 -1.11
C TYR A 302 0.13 3.29 -2.26
N ALA A 303 -0.83 3.06 -3.15
CA ALA A 303 -0.58 2.32 -4.37
C ALA A 303 -0.05 3.17 -5.52
N ALA A 304 0.30 4.43 -5.30
CA ALA A 304 0.91 5.24 -6.32
C ALA A 304 2.28 4.68 -6.75
N ILE A 305 2.96 3.97 -5.86
CA ILE A 305 4.21 3.35 -6.23
C ILE A 305 3.95 2.26 -7.25
N ASP A 306 2.84 1.53 -7.14
CA ASP A 306 2.51 0.47 -8.10
C ASP A 306 2.27 1.08 -9.49
N ILE A 307 1.47 2.15 -9.56
CA ILE A 307 1.17 2.82 -10.83
C ILE A 307 2.45 3.27 -11.56
N LEU A 308 3.45 3.70 -10.78
CA LEU A 308 4.70 4.18 -11.27
C LEU A 308 5.69 3.08 -11.57
N LYS A 309 5.76 2.05 -10.73
CA LYS A 309 6.61 0.85 -10.99
C LYS A 309 6.21 0.26 -12.34
N GLU A 310 4.90 0.09 -12.55
CA GLU A 310 4.39 -0.61 -13.73
C GLU A 310 4.38 0.25 -15.02
N GLU A 311 4.14 1.56 -14.92
CA GLU A 311 3.98 2.40 -16.09
C GLU A 311 5.19 3.31 -16.41
N PHE A 312 6.07 3.57 -15.45
CA PHE A 312 7.13 4.61 -15.61
C PHE A 312 8.52 4.18 -15.18
N GLY A 313 8.65 2.98 -14.60
CA GLY A 313 9.84 2.63 -13.84
C GLY A 313 11.05 2.53 -14.74
N TRP A 314 10.83 1.85 -15.88
CA TRP A 314 11.84 1.57 -16.94
C TRP A 314 12.68 2.76 -17.43
N ALA A 315 12.09 3.96 -17.45
CA ALA A 315 12.73 5.18 -17.97
C ALA A 315 13.78 5.87 -17.05
N LEU A 316 13.95 5.41 -15.81
CA LEU A 316 14.76 6.13 -14.80
C LEU A 316 16.26 5.83 -14.81
N LYS A 317 16.65 4.67 -15.35
CA LYS A 317 18.04 4.36 -15.77
C LYS A 317 18.54 5.20 -16.99
N TYR A 318 17.60 5.77 -17.78
CA TYR A 318 17.89 6.67 -18.94
C TYR A 318 17.92 8.17 -18.56
N LYS A 319 18.40 8.95 -19.50
CA LYS A 319 18.29 10.38 -19.47
C LYS A 319 16.86 10.73 -19.92
N GLU A 320 16.51 12.01 -19.82
CA GLU A 320 15.30 12.51 -20.50
C GLU A 320 15.44 12.25 -22.01
N PRO A 321 14.33 11.92 -22.70
CA PRO A 321 14.40 11.80 -24.15
C PRO A 321 14.50 13.13 -24.94
N TRP A 322 15.06 14.19 -24.36
CA TRP A 322 15.39 15.41 -25.11
C TRP A 322 16.81 15.87 -24.81
N GLU A 323 17.63 14.98 -24.25
CA GLU A 323 18.92 15.33 -23.65
C GLU A 323 20.16 14.90 -24.47
N ASP A 324 21.20 15.74 -24.40
CA ASP A 324 22.49 15.58 -25.11
C ASP A 324 23.53 14.75 -24.34
N ALA B 3 -34.98 -22.36 -17.94
CA ALA B 3 -36.40 -22.50 -17.47
C ALA B 3 -36.59 -23.60 -16.39
N MET B 4 -35.84 -24.71 -16.44
CA MET B 4 -36.18 -25.94 -15.68
C MET B 4 -35.34 -26.23 -14.43
N ILE B 5 -35.62 -25.52 -13.35
CA ILE B 5 -34.63 -25.41 -12.28
C ILE B 5 -34.92 -26.41 -11.19
N VAL B 6 -33.88 -27.10 -10.73
CA VAL B 6 -34.06 -28.08 -9.68
C VAL B 6 -34.54 -27.43 -8.41
N LYS B 7 -35.07 -28.28 -7.55
CA LYS B 7 -35.61 -27.89 -6.27
C LYS B 7 -34.51 -27.44 -5.27
N GLU B 8 -33.31 -28.00 -5.34
CA GLU B 8 -32.19 -27.62 -4.43
C GLU B 8 -31.67 -26.20 -4.61
N VAL B 9 -31.77 -25.71 -5.82
CA VAL B 9 -31.34 -24.36 -6.09
C VAL B 9 -32.25 -23.41 -5.30
N TYR B 10 -33.57 -23.56 -5.47
CA TYR B 10 -34.59 -22.81 -4.78
C TYR B 10 -34.50 -22.90 -3.26
N GLU B 11 -34.20 -24.10 -2.74
CA GLU B 11 -34.06 -24.36 -1.32
C GLU B 11 -32.83 -23.62 -0.77
N THR B 12 -31.72 -23.67 -1.47
CA THR B 12 -30.48 -22.98 -1.06
C THR B 12 -30.72 -21.46 -0.99
N ALA B 13 -31.29 -20.92 -2.05
CA ALA B 13 -31.74 -19.55 -2.07
C ALA B 13 -32.59 -19.13 -0.87
N GLU B 14 -33.69 -19.85 -0.60
CA GLU B 14 -34.56 -19.57 0.55
C GLU B 14 -33.77 -19.60 1.86
N LYS B 15 -32.83 -20.55 1.99
CA LYS B 15 -32.02 -20.70 3.21
C LYS B 15 -30.87 -19.67 3.38
N ILE B 16 -30.42 -19.12 2.27
CA ILE B 16 -29.47 -18.03 2.31
C ILE B 16 -30.22 -16.77 2.67
N LYS B 17 -31.32 -16.45 1.98
CA LYS B 17 -32.20 -15.31 2.31
C LYS B 17 -32.58 -15.24 3.76
N SER B 18 -32.95 -16.39 4.30
CA SER B 18 -33.51 -16.49 5.63
C SER B 18 -32.44 -16.51 6.68
N MET B 19 -31.18 -16.72 6.29
CA MET B 19 -30.03 -16.95 7.20
C MET B 19 -30.02 -18.28 8.00
N GLU B 20 -30.85 -19.22 7.57
CA GLU B 20 -30.66 -20.61 8.02
C GLU B 20 -29.24 -21.09 7.71
N ILE B 21 -28.74 -20.76 6.52
CA ILE B 21 -27.34 -20.87 6.16
C ILE B 21 -26.81 -19.45 6.12
N ARG B 22 -25.60 -19.26 6.67
CA ARG B 22 -25.04 -17.93 6.87
C ARG B 22 -23.55 -18.02 7.09
N GLY B 23 -22.88 -16.87 7.04
CA GLY B 23 -21.44 -16.84 7.05
C GLY B 23 -21.01 -16.63 5.61
N ALA B 24 -20.11 -15.68 5.35
CA ALA B 24 -19.80 -15.34 3.98
C ALA B 24 -19.28 -16.57 3.28
N GLY B 25 -18.43 -17.33 3.94
CA GLY B 25 -17.74 -18.44 3.33
C GLY B 25 -18.71 -19.57 3.01
N ARG B 26 -19.54 -19.87 4.00
CA ARG B 26 -20.50 -20.92 3.85
C ARG B 26 -21.54 -20.67 2.73
N ILE B 27 -22.11 -19.47 2.64
CA ILE B 27 -23.10 -19.20 1.58
C ILE B 27 -22.47 -19.29 0.17
N ALA B 28 -21.15 -19.05 0.08
CA ALA B 28 -20.45 -19.14 -1.19
C ALA B 28 -20.34 -20.60 -1.58
N ARG B 29 -19.94 -21.42 -0.62
CA ARG B 29 -19.82 -22.85 -0.90
C ARG B 29 -21.21 -23.38 -1.22
N ALA B 30 -22.24 -22.91 -0.51
CA ALA B 30 -23.60 -23.40 -0.73
C ALA B 30 -24.11 -23.05 -2.12
N ALA B 31 -23.70 -21.94 -2.68
CA ALA B 31 -24.11 -21.58 -4.04
C ALA B 31 -23.34 -22.38 -5.11
N ALA B 32 -22.04 -22.61 -4.90
CA ALA B 32 -21.30 -23.55 -5.75
C ALA B 32 -22.03 -24.91 -5.79
N GLN B 33 -22.30 -25.42 -4.59
CA GLN B 33 -23.04 -26.65 -4.37
C GLN B 33 -24.32 -26.69 -5.16
N ALA B 34 -25.09 -25.63 -5.07
CA ALA B 34 -26.38 -25.61 -5.77
C ALA B 34 -26.16 -25.68 -7.30
N LEU B 35 -25.19 -24.95 -7.83
CA LEU B 35 -24.85 -25.09 -9.25
C LEU B 35 -24.38 -26.50 -9.58
N MET B 36 -23.62 -27.14 -8.69
CA MET B 36 -23.23 -28.55 -8.85
C MET B 36 -24.46 -29.43 -9.08
N ILE B 37 -25.39 -29.37 -8.15
CA ILE B 37 -26.56 -30.23 -8.21
C ILE B 37 -27.46 -29.95 -9.44
N GLN B 38 -27.57 -28.70 -9.85
CA GLN B 38 -28.36 -28.36 -11.01
C GLN B 38 -27.75 -29.02 -12.23
N ALA B 39 -26.43 -29.01 -12.32
CA ALA B 39 -25.74 -29.68 -13.42
C ALA B 39 -25.87 -31.20 -13.31
N GLU B 40 -25.64 -31.76 -12.13
CA GLU B 40 -25.74 -33.22 -11.94
C GLU B 40 -27.10 -33.74 -12.36
N LYS B 41 -28.17 -33.15 -11.83
CA LYS B 41 -29.53 -33.64 -12.04
C LYS B 41 -30.22 -33.12 -13.29
N SER B 42 -29.58 -32.25 -14.06
CA SER B 42 -30.26 -31.66 -15.22
C SER B 42 -30.78 -32.71 -16.17
N LYS B 43 -31.90 -32.42 -16.81
CA LYS B 43 -32.49 -33.32 -17.79
C LYS B 43 -32.25 -32.88 -19.24
N ALA B 44 -31.62 -31.72 -19.42
CA ALA B 44 -31.31 -31.15 -20.75
C ALA B 44 -30.64 -32.14 -21.69
N LYS B 45 -30.81 -31.87 -22.98
CA LYS B 45 -30.25 -32.69 -24.06
C LYS B 45 -29.26 -31.94 -24.93
N GLU B 46 -29.54 -30.67 -25.17
CA GLU B 46 -28.60 -29.75 -25.80
C GLU B 46 -27.59 -29.13 -24.77
N PRO B 47 -26.39 -28.69 -25.24
CA PRO B 47 -25.59 -27.82 -24.37
C PRO B 47 -26.30 -26.48 -24.09
N GLU B 48 -26.81 -25.81 -25.13
CA GLU B 48 -27.58 -24.54 -25.01
C GLU B 48 -28.64 -24.52 -23.88
N GLU B 49 -29.20 -25.68 -23.57
CA GLU B 49 -30.30 -25.81 -22.62
C GLU B 49 -29.79 -26.02 -21.17
N LEU B 50 -28.59 -26.59 -21.01
CA LEU B 50 -27.91 -26.67 -19.71
C LEU B 50 -27.37 -25.28 -19.32
N TRP B 51 -26.66 -24.66 -20.25
CA TRP B 51 -26.16 -23.29 -20.16
C TRP B 51 -27.27 -22.32 -19.70
N ASN B 52 -28.45 -22.46 -20.27
CA ASN B 52 -29.58 -21.66 -19.91
C ASN B 52 -30.09 -21.92 -18.47
N GLU B 53 -29.99 -23.16 -18.00
CA GLU B 53 -30.38 -23.48 -16.63
C GLU B 53 -29.38 -22.97 -15.58
N LEU B 54 -28.11 -23.08 -15.93
CA LEU B 54 -27.04 -22.59 -15.11
C LEU B 54 -27.05 -21.04 -15.02
N LYS B 55 -27.36 -20.34 -16.11
CA LYS B 55 -27.51 -18.87 -16.08
C LYS B 55 -28.58 -18.46 -15.08
N VAL B 56 -29.72 -19.16 -15.12
CA VAL B 56 -30.89 -18.85 -14.29
C VAL B 56 -30.71 -19.23 -12.82
N ALA B 57 -30.02 -20.33 -12.55
CA ALA B 57 -29.78 -20.74 -11.18
C ALA B 57 -28.76 -19.79 -10.53
N SER B 58 -27.74 -19.44 -11.30
CA SER B 58 -26.84 -18.40 -10.90
C SER B 58 -27.61 -17.11 -10.53
N LYS B 59 -28.53 -16.63 -11.36
CA LYS B 59 -29.26 -15.41 -11.04
C LYS B 59 -30.04 -15.59 -9.78
N ILE B 60 -30.74 -16.71 -9.67
CA ILE B 60 -31.51 -16.98 -8.47
C ILE B 60 -30.62 -16.94 -7.24
N LEU B 61 -29.43 -17.48 -7.32
CA LEU B 61 -28.54 -17.44 -6.18
C LEU B 61 -27.87 -16.07 -5.94
N TYR B 62 -27.62 -15.31 -7.01
CA TYR B 62 -27.08 -13.96 -6.88
C TYR B 62 -28.04 -13.06 -6.11
N ASN B 63 -29.34 -13.21 -6.34
CA ASN B 63 -30.42 -12.36 -5.79
C ASN B 63 -30.98 -12.83 -4.42
N THR B 64 -30.10 -13.38 -3.60
CA THR B 64 -30.44 -13.82 -2.28
C THR B 64 -29.97 -12.71 -1.30
N ARG B 65 -28.66 -12.55 -1.13
CA ARG B 65 -28.10 -11.54 -0.25
C ARG B 65 -26.98 -10.76 -0.95
N PRO B 66 -27.06 -9.41 -0.89
CA PRO B 66 -26.17 -8.57 -1.66
C PRO B 66 -24.75 -8.42 -1.16
N THR B 67 -24.57 -8.28 0.14
CA THR B 67 -23.37 -7.59 0.67
C THR B 67 -22.12 -8.42 0.64
N ALA B 68 -22.25 -9.71 0.93
CA ALA B 68 -21.09 -10.61 0.93
C ALA B 68 -20.74 -11.03 -0.53
N VAL B 69 -19.61 -10.53 -1.01
CA VAL B 69 -19.12 -10.79 -2.35
C VAL B 69 -18.58 -12.21 -2.55
N SER B 70 -18.20 -12.88 -1.48
CA SER B 70 -17.92 -14.31 -1.55
C SER B 70 -18.94 -15.04 -2.43
N LEU B 71 -20.22 -14.74 -2.33
CA LEU B 71 -21.24 -15.48 -3.08
C LEU B 71 -21.17 -15.27 -4.63
N PRO B 72 -21.33 -14.02 -5.12
CA PRO B 72 -20.97 -13.69 -6.49
C PRO B 72 -19.62 -14.27 -6.99
N ASN B 73 -18.56 -14.17 -6.20
CA ASN B 73 -17.25 -14.76 -6.56
C ASN B 73 -17.26 -16.32 -6.75
N ALA B 74 -18.10 -17.01 -6.01
CA ALA B 74 -18.22 -18.44 -6.06
C ALA B 74 -18.93 -18.82 -7.36
N LEU B 75 -19.97 -18.06 -7.66
CA LEU B 75 -20.74 -18.24 -8.87
C LEU B 75 -19.90 -17.91 -10.11
N ARG B 76 -19.02 -16.94 -10.00
CA ARG B 76 -18.18 -16.58 -11.11
C ARG B 76 -17.18 -17.68 -11.28
N TYR B 77 -16.57 -18.16 -10.20
CA TYR B 77 -15.61 -19.26 -10.30
C TYR B 77 -16.14 -20.43 -11.12
N VAL B 78 -17.38 -20.79 -10.90
CA VAL B 78 -18.02 -21.84 -11.69
C VAL B 78 -18.34 -21.29 -13.09
N MET B 79 -19.18 -20.27 -13.16
CA MET B 79 -19.71 -19.79 -14.42
C MET B 79 -18.73 -19.21 -15.45
N HIS B 80 -17.61 -18.63 -15.06
CA HIS B 80 -16.55 -18.26 -16.02
C HIS B 80 -16.10 -19.51 -16.76
N ARG B 81 -15.90 -20.59 -16.02
CA ARG B 81 -15.42 -21.85 -16.58
C ARG B 81 -16.49 -22.51 -17.44
N VAL B 82 -17.74 -22.44 -17.00
CA VAL B 82 -18.85 -22.96 -17.81
C VAL B 82 -19.06 -22.14 -19.09
N LYS B 83 -19.04 -20.83 -19.02
CA LYS B 83 -19.20 -20.04 -20.23
C LYS B 83 -18.07 -20.38 -21.23
N ALA B 84 -16.81 -20.41 -20.78
CA ALA B 84 -15.71 -20.59 -21.73
C ALA B 84 -15.81 -21.97 -22.39
N ALA B 85 -16.25 -22.99 -21.67
CA ALA B 85 -16.57 -24.29 -22.28
C ALA B 85 -17.70 -24.24 -23.32
N TYR B 86 -18.86 -23.70 -22.94
CA TYR B 86 -20.00 -23.59 -23.85
C TYR B 86 -19.63 -22.82 -25.10
N LEU B 87 -19.01 -21.66 -24.93
CA LEU B 87 -18.54 -20.84 -26.08
C LEU B 87 -17.42 -21.52 -26.89
N GLY B 88 -16.51 -22.23 -26.21
CA GLY B 88 -15.52 -23.09 -26.92
C GLY B 88 -16.06 -24.37 -27.57
N GLY B 89 -17.39 -24.58 -27.51
CA GLY B 89 -18.06 -25.62 -28.25
C GLY B 89 -18.25 -26.97 -27.58
N ALA B 90 -18.12 -27.03 -26.26
CA ALA B 90 -18.28 -28.30 -25.57
C ALA B 90 -19.69 -28.82 -25.77
N ASP B 91 -19.79 -30.15 -25.77
CA ASP B 91 -21.06 -30.84 -25.83
C ASP B 91 -21.66 -30.92 -24.41
N LEU B 92 -22.84 -31.54 -24.30
CA LEU B 92 -23.60 -31.56 -23.06
C LEU B 92 -22.77 -32.01 -21.88
N GLU B 93 -22.10 -33.15 -22.03
CA GLU B 93 -21.48 -33.82 -20.89
C GLU B 93 -20.17 -33.20 -20.50
N THR B 94 -19.47 -32.66 -21.47
CA THR B 94 -18.29 -31.87 -21.20
C THR B 94 -18.70 -30.59 -20.43
N LEU B 95 -19.81 -29.97 -20.81
CA LEU B 95 -20.36 -28.79 -20.09
C LEU B 95 -20.77 -29.15 -18.66
N ARG B 96 -21.56 -30.20 -18.51
CA ARG B 96 -21.94 -30.69 -17.21
C ARG B 96 -20.76 -31.02 -16.31
N PHE B 97 -19.71 -31.62 -16.84
CA PHE B 97 -18.56 -31.91 -15.99
C PHE B 97 -17.85 -30.59 -15.61
N THR B 98 -17.70 -29.69 -16.56
CA THR B 98 -17.08 -28.40 -16.28
C THR B 98 -17.80 -27.70 -15.10
N ALA B 99 -19.13 -27.70 -15.10
CA ALA B 99 -19.91 -27.13 -14.02
C ALA B 99 -19.57 -27.82 -12.72
N ILE B 100 -19.71 -29.13 -12.71
CA ILE B 100 -19.60 -29.94 -11.49
C ILE B 100 -18.20 -29.87 -10.88
N ASN B 101 -17.20 -29.96 -11.75
CA ASN B 101 -15.84 -29.99 -11.30
C ASN B 101 -15.32 -28.59 -10.93
N SER B 102 -15.95 -27.54 -11.44
CA SER B 102 -15.57 -26.18 -11.06
C SER B 102 -16.10 -25.85 -9.66
N ALA B 103 -17.37 -26.17 -9.44
CA ALA B 103 -17.98 -26.06 -8.11
C ALA B 103 -17.18 -26.84 -7.11
N LYS B 104 -16.75 -28.03 -7.50
CA LYS B 104 -16.01 -28.90 -6.60
C LYS B 104 -14.69 -28.27 -6.21
N GLU B 105 -14.00 -27.70 -7.19
CA GLU B 105 -12.74 -27.01 -6.92
C GLU B 105 -12.90 -25.84 -5.92
N PHE B 106 -13.96 -25.04 -6.12
CA PHE B 106 -14.23 -23.87 -5.29
C PHE B 106 -14.46 -24.28 -3.85
N ILE B 107 -15.34 -25.26 -3.69
CA ILE B 107 -15.69 -25.80 -2.38
C ILE B 107 -14.46 -26.37 -1.71
N TYR B 108 -13.57 -26.99 -2.49
CA TYR B 108 -12.33 -27.57 -1.91
C TYR B 108 -11.35 -26.46 -1.54
N ASN B 109 -11.15 -25.52 -2.46
CA ASN B 109 -10.28 -24.35 -2.21
C ASN B 109 -10.75 -23.51 -0.99
N SER B 110 -12.06 -23.31 -0.87
CA SER B 110 -12.62 -22.66 0.33
C SER B 110 -12.21 -23.37 1.60
N GLU B 111 -12.37 -24.69 1.65
CA GLU B 111 -11.94 -25.43 2.86
C GLU B 111 -10.44 -25.30 3.17
N LYS B 112 -9.59 -25.48 2.16
CA LYS B 112 -8.13 -25.41 2.37
C LYS B 112 -7.63 -24.00 2.78
N ALA B 113 -8.34 -22.98 2.29
CA ALA B 113 -7.99 -21.60 2.52
C ALA B 113 -8.29 -21.22 3.95
N ILE B 114 -9.45 -21.69 4.44
CA ILE B 114 -9.83 -21.46 5.85
C ILE B 114 -8.83 -22.12 6.78
N GLU B 115 -8.35 -23.29 6.41
CA GLU B 115 -7.30 -23.99 7.16
C GLU B 115 -6.01 -23.17 7.17
N ARG B 116 -5.64 -22.64 6.02
CA ARG B 116 -4.31 -22.06 5.85
C ARG B 116 -4.24 -20.68 6.58
N ILE B 117 -5.37 -19.97 6.50
CA ILE B 117 -5.65 -18.75 7.26
C ILE B 117 -5.49 -18.99 8.75
N GLY B 118 -6.02 -20.09 9.22
CA GLY B 118 -5.78 -20.53 10.58
C GLY B 118 -4.32 -20.67 10.89
N GLU B 119 -3.61 -21.39 10.03
CA GLU B 119 -2.23 -21.73 10.33
C GLU B 119 -1.40 -20.47 10.34
N ILE B 120 -1.75 -19.50 9.51
CA ILE B 120 -0.97 -18.28 9.38
C ILE B 120 -1.33 -17.25 10.46
N GLY B 121 -2.63 -17.01 10.69
CA GLY B 121 -3.03 -16.10 11.77
C GLY B 121 -2.56 -16.54 13.16
N ALA B 122 -2.56 -17.84 13.40
CA ALA B 122 -2.20 -18.37 14.67
C ALA B 122 -0.82 -17.99 15.07
N LYS B 123 0.06 -17.74 14.11
CA LYS B 123 1.45 -17.39 14.45
C LYS B 123 1.55 -16.02 15.11
N ARG B 124 0.54 -15.19 14.87
CA ARG B 124 0.42 -13.89 15.52
C ARG B 124 -0.28 -13.88 16.88
N ILE B 125 -0.71 -15.06 17.38
CA ILE B 125 -1.35 -15.17 18.67
C ILE B 125 -0.23 -15.68 19.54
N GLU B 126 0.07 -14.97 20.64
CA GLU B 126 1.06 -15.36 21.63
C GLU B 126 0.42 -16.03 22.87
N ASP B 127 1.22 -16.79 23.60
CA ASP B 127 0.78 -17.46 24.81
C ASP B 127 0.28 -16.40 25.76
N GLY B 128 -0.88 -16.63 26.35
CA GLY B 128 -1.51 -15.70 27.30
C GLY B 128 -2.45 -14.66 26.67
N ASP B 129 -2.61 -14.65 25.36
CA ASP B 129 -3.35 -13.56 24.76
C ASP B 129 -4.83 -13.63 25.11
N ILE B 130 -5.40 -12.44 25.21
CA ILE B 130 -6.81 -12.27 25.31
C ILE B 130 -7.28 -11.68 23.99
N ILE B 131 -8.17 -12.38 23.31
CA ILE B 131 -8.59 -12.04 21.98
C ILE B 131 -10.04 -11.63 21.97
N MET B 132 -10.37 -10.43 21.50
CA MET B 132 -11.80 -10.13 21.29
C MET B 132 -12.15 -10.47 19.86
N THR B 133 -13.32 -11.10 19.67
CA THR B 133 -13.91 -11.30 18.33
C THR B 133 -15.32 -10.73 18.21
N HIS B 134 -15.99 -10.95 17.09
CA HIS B 134 -17.31 -10.34 16.90
C HIS B 134 -18.02 -11.23 15.91
N CYS B 135 -19.34 -11.33 16.03
CA CYS B 135 -20.11 -12.26 15.21
C CYS B 135 -19.50 -13.67 15.31
N HIS B 136 -19.79 -14.48 14.29
CA HIS B 136 -19.28 -15.84 14.11
C HIS B 136 -18.65 -15.92 12.71
N SER B 137 -17.33 -15.98 12.70
CA SER B 137 -16.56 -16.09 11.47
C SER B 137 -15.72 -17.31 11.61
N LYS B 138 -15.97 -18.26 10.70
CA LYS B 138 -15.14 -19.48 10.56
C LYS B 138 -13.69 -19.18 10.38
N ALA B 139 -13.41 -18.13 9.60
CA ALA B 139 -12.00 -17.77 9.31
C ALA B 139 -11.37 -17.23 10.58
N ALA B 140 -12.09 -16.40 11.32
CA ALA B 140 -11.54 -15.91 12.59
C ALA B 140 -11.38 -17.05 13.55
N ILE B 141 -12.42 -17.90 13.64
CA ILE B 141 -12.34 -19.07 14.55
C ILE B 141 -11.22 -20.04 14.20
N SER B 142 -10.92 -20.20 12.91
CA SER B 142 -9.85 -21.09 12.51
C SER B 142 -8.55 -20.59 13.12
N VAL B 143 -8.38 -19.28 13.19
CA VAL B 143 -7.19 -18.70 13.83
C VAL B 143 -7.12 -19.00 15.34
N MET B 144 -8.20 -18.72 16.07
CA MET B 144 -8.18 -18.93 17.53
C MET B 144 -8.02 -20.42 17.86
N LYS B 145 -8.75 -21.24 17.10
CA LYS B 145 -8.68 -22.69 17.25
C LYS B 145 -7.23 -23.18 17.09
N LYS B 146 -6.55 -22.82 16.00
CA LYS B 146 -5.20 -23.33 15.76
C LYS B 146 -4.21 -22.85 16.82
N ALA B 147 -4.41 -21.64 17.29
CA ALA B 147 -3.52 -21.11 18.31
C ALA B 147 -3.64 -21.89 19.62
N PHE B 148 -4.85 -22.34 19.92
CA PHE B 148 -5.06 -23.13 21.12
C PHE B 148 -4.33 -24.46 21.04
N GLU B 149 -4.50 -25.15 19.89
CA GLU B 149 -3.89 -26.46 19.59
C GLU B 149 -2.39 -26.43 19.51
N GLN B 150 -1.85 -25.26 19.23
CA GLN B 150 -0.43 -25.03 19.37
C GLN B 150 0.01 -24.96 20.81
N GLY B 151 -0.95 -25.02 21.75
CA GLY B 151 -0.68 -24.95 23.18
C GLY B 151 -0.57 -23.58 23.83
N LYS B 152 -1.01 -22.54 23.12
CA LYS B 152 -1.14 -21.20 23.70
C LYS B 152 -2.40 -21.13 24.55
N ASN B 153 -2.27 -20.60 25.75
CA ASN B 153 -3.37 -20.51 26.67
C ASN B 153 -4.05 -19.21 26.38
N ILE B 154 -5.03 -19.27 25.51
CA ILE B 154 -5.74 -18.07 25.10
C ILE B 154 -7.07 -18.00 25.79
N LYS B 155 -7.68 -16.84 25.69
CA LYS B 155 -9.03 -16.61 26.19
C LYS B 155 -9.75 -15.70 25.18
N VAL B 156 -11.03 -15.91 24.92
CA VAL B 156 -11.69 -15.09 23.91
C VAL B 156 -12.92 -14.36 24.43
N ILE B 157 -12.87 -13.02 24.32
CA ILE B 157 -13.98 -12.16 24.62
C ILE B 157 -14.90 -12.19 23.41
N VAL B 158 -16.10 -12.73 23.59
CA VAL B 158 -17.03 -12.89 22.51
C VAL B 158 -18.12 -11.90 22.75
N THR B 159 -18.42 -11.10 21.72
CA THR B 159 -19.46 -10.11 21.78
C THR B 159 -20.69 -10.77 21.22
N GLU B 160 -21.84 -10.58 21.86
CA GLU B 160 -23.08 -11.32 21.54
C GLU B 160 -23.56 -11.12 20.16
N THR B 161 -23.26 -9.96 19.63
CA THR B 161 -23.56 -9.60 18.26
C THR B 161 -25.07 -9.56 17.89
N ARG B 162 -25.71 -8.47 18.29
CA ARG B 162 -27.13 -8.25 17.99
C ARG B 162 -27.26 -7.82 16.53
N PRO B 163 -28.43 -7.97 15.91
CA PRO B 163 -29.66 -8.51 16.50
C PRO B 163 -29.76 -10.05 16.53
N LYS B 164 -28.97 -10.72 15.71
CA LYS B 164 -29.16 -12.14 15.41
C LYS B 164 -28.44 -13.04 16.38
N TRP B 165 -27.68 -12.48 17.30
CA TRP B 165 -27.09 -13.24 18.40
C TRP B 165 -26.03 -14.30 18.01
N GLN B 166 -25.37 -14.12 16.86
CA GLN B 166 -24.39 -15.12 16.41
C GLN B 166 -23.18 -15.27 17.30
N GLY B 167 -22.92 -14.34 18.23
CA GLY B 167 -21.91 -14.58 19.30
C GLY B 167 -22.18 -15.89 20.07
N LYS B 168 -23.44 -16.24 20.22
CA LYS B 168 -23.80 -17.45 20.93
C LYS B 168 -23.21 -18.67 20.26
N ILE B 169 -23.29 -18.65 18.94
CA ILE B 169 -22.73 -19.71 18.13
C ILE B 169 -21.22 -19.77 18.45
N THR B 170 -20.57 -18.59 18.42
CA THR B 170 -19.11 -18.48 18.60
C THR B 170 -18.66 -18.92 19.95
N ALA B 171 -19.47 -18.55 20.95
CA ALA B 171 -19.15 -18.85 22.32
C ALA B 171 -19.14 -20.36 22.53
N LYS B 172 -20.24 -20.99 22.13
CA LYS B 172 -20.40 -22.47 22.29
C LYS B 172 -19.33 -23.20 21.47
N GLU B 173 -19.08 -22.76 20.22
CA GLU B 173 -18.03 -23.39 19.42
C GLU B 173 -16.63 -23.29 20.09
N LEU B 174 -16.25 -22.10 20.53
CA LEU B 174 -14.97 -21.97 21.17
C LEU B 174 -14.88 -22.76 22.43
N ALA B 175 -15.94 -22.75 23.23
CA ALA B 175 -15.95 -23.51 24.50
C ALA B 175 -15.79 -25.01 24.25
N SER B 176 -16.45 -25.49 23.21
CA SER B 176 -16.32 -26.87 22.77
C SER B 176 -14.88 -27.30 22.46
N TYR B 177 -13.98 -26.42 22.03
CA TYR B 177 -12.58 -26.83 21.79
C TYR B 177 -11.75 -26.73 23.03
N GLY B 178 -12.34 -26.32 24.13
CA GLY B 178 -11.60 -26.10 25.37
C GLY B 178 -11.11 -24.68 25.63
N ILE B 179 -11.50 -23.73 24.79
CA ILE B 179 -11.00 -22.39 24.89
C ILE B 179 -11.94 -21.66 25.80
N PRO B 180 -11.41 -21.05 26.87
CA PRO B 180 -12.28 -20.28 27.73
C PRO B 180 -12.75 -19.01 27.04
N VAL B 181 -13.97 -18.57 27.40
CA VAL B 181 -14.66 -17.47 26.79
C VAL B 181 -15.17 -16.50 27.87
N ILE B 182 -15.08 -15.21 27.54
CA ILE B 182 -15.76 -14.15 28.26
C ILE B 182 -16.82 -13.60 27.30
N TYR B 183 -18.07 -13.70 27.70
CA TYR B 183 -19.15 -13.33 26.82
C TYR B 183 -19.68 -12.00 27.33
N ILE B 184 -19.93 -11.04 26.44
CA ILE B 184 -20.29 -9.65 26.79
C ILE B 184 -21.27 -9.06 25.78
N VAL B 185 -22.06 -8.10 26.19
CA VAL B 185 -22.87 -7.38 25.17
C VAL B 185 -21.96 -6.50 24.28
N ASP B 186 -22.44 -6.11 23.11
CA ASP B 186 -21.60 -5.32 22.16
C ASP B 186 -21.13 -3.97 22.78
N SER B 187 -22.01 -3.31 23.54
CA SER B 187 -21.67 -2.05 24.24
C SER B 187 -20.53 -2.10 25.23
N ALA B 188 -20.11 -3.29 25.63
CA ALA B 188 -19.00 -3.42 26.55
C ALA B 188 -17.62 -3.49 25.92
N ALA B 189 -17.58 -3.44 24.57
CA ALA B 189 -16.32 -3.61 23.83
C ALA B 189 -15.23 -2.61 24.25
N ARG B 190 -15.61 -1.35 24.44
CA ARG B 190 -14.64 -0.35 24.84
C ARG B 190 -14.18 -0.60 26.24
N HIS B 191 -15.16 -0.72 27.14
CA HIS B 191 -14.89 -1.12 28.54
C HIS B 191 -13.88 -2.29 28.66
N TYR B 192 -13.90 -3.27 27.75
CA TYR B 192 -12.96 -4.44 27.90
C TYR B 192 -11.74 -4.41 26.99
N MET B 193 -11.55 -3.31 26.29
CA MET B 193 -10.47 -3.22 25.32
C MET B 193 -9.15 -3.07 26.03
N LYS B 194 -9.17 -2.56 27.26
CA LYS B 194 -7.93 -2.33 27.99
C LYS B 194 -7.26 -3.69 28.36
N MET B 195 -8.04 -4.78 28.50
CA MET B 195 -7.50 -6.11 28.89
C MET B 195 -7.27 -7.00 27.67
N THR B 196 -7.75 -6.57 26.52
CA THR B 196 -7.59 -7.27 25.24
C THR B 196 -6.23 -7.06 24.60
N ASP B 197 -5.66 -8.15 24.11
CA ASP B 197 -4.36 -8.12 23.41
C ASP B 197 -4.51 -8.10 21.92
N LYS B 198 -5.55 -8.74 21.39
CA LYS B 198 -5.72 -8.84 19.93
C LYS B 198 -7.20 -8.85 19.64
N VAL B 199 -7.59 -8.23 18.54
CA VAL B 199 -8.90 -8.37 18.02
C VAL B 199 -8.71 -9.16 16.73
N VAL B 200 -9.67 -10.04 16.45
CA VAL B 200 -9.61 -10.94 15.29
C VAL B 200 -11.01 -11.14 14.73
N MET B 201 -11.33 -10.62 13.57
CA MET B 201 -12.72 -10.69 13.06
C MET B 201 -12.67 -11.14 11.62
N GLY B 202 -13.83 -11.43 11.07
CA GLY B 202 -13.93 -11.84 9.70
C GLY B 202 -14.28 -10.69 8.78
N ALA B 203 -14.78 -11.06 7.59
CA ALA B 203 -15.14 -10.14 6.52
C ALA B 203 -16.14 -10.77 5.58
N ASN B 204 -17.10 -9.98 5.17
CA ASN B 204 -18.01 -10.33 4.10
C ASN B 204 -17.57 -9.84 2.71
N SER B 205 -17.02 -8.63 2.64
CA SER B 205 -16.44 -8.00 1.43
C SER B 205 -15.30 -7.06 1.82
N ILE B 206 -14.25 -7.04 1.00
CA ILE B 206 -13.09 -6.19 1.21
C ILE B 206 -12.91 -5.42 -0.11
N THR B 207 -12.68 -4.11 -0.02
CA THR B 207 -12.72 -3.22 -1.15
C THR B 207 -11.35 -2.83 -1.65
N ALA B 208 -11.33 -2.24 -2.83
CA ALA B 208 -10.08 -1.81 -3.46
C ALA B 208 -9.15 -0.98 -2.55
N ASN B 209 -9.73 -0.02 -1.84
CA ASN B 209 -8.89 0.81 -0.98
C ASN B 209 -8.64 0.20 0.39
N GLY B 210 -9.21 -0.99 0.65
CA GLY B 210 -8.86 -1.74 1.84
C GLY B 210 -9.87 -1.70 2.99
N ALA B 211 -11.06 -1.23 2.72
CA ALA B 211 -12.08 -1.17 3.77
C ALA B 211 -12.67 -2.59 3.89
N VAL B 212 -13.22 -2.88 5.05
CA VAL B 212 -13.67 -4.21 5.40
C VAL B 212 -15.15 -4.05 5.79
N ILE B 213 -16.00 -4.71 5.05
CA ILE B 213 -17.40 -4.74 5.30
C ILE B 213 -17.60 -6.04 6.00
N ASN B 214 -18.15 -5.97 7.20
CA ASN B 214 -18.33 -7.10 8.09
C ASN B 214 -19.54 -6.83 9.01
N LYS B 215 -19.88 -7.77 9.91
CA LYS B 215 -21.09 -7.65 10.74
C LYS B 215 -21.20 -6.30 11.42
N ILE B 216 -22.41 -5.75 11.43
CA ILE B 216 -22.74 -4.50 12.12
C ILE B 216 -22.12 -4.48 13.49
N GLY B 217 -21.35 -3.40 13.79
CA GLY B 217 -20.59 -3.21 15.03
C GLY B 217 -19.08 -3.45 14.92
N THR B 218 -18.65 -4.06 13.81
CA THR B 218 -17.22 -4.35 13.56
C THR B 218 -16.36 -3.07 13.61
N SER B 219 -16.88 -2.00 13.03
CA SER B 219 -16.19 -0.74 12.89
C SER B 219 -15.97 -0.06 14.16
N LEU B 220 -16.96 -0.17 15.03
CA LEU B 220 -16.84 0.28 16.43
C LEU B 220 -15.76 -0.40 17.23
N ILE B 221 -15.75 -1.71 17.17
CA ILE B 221 -14.73 -2.52 17.83
C ILE B 221 -13.36 -2.11 17.29
N ALA B 222 -13.22 -1.93 15.97
CA ALA B 222 -11.94 -1.52 15.37
C ALA B 222 -11.48 -0.10 15.79
N LEU B 223 -12.45 0.80 15.87
CA LEU B 223 -12.21 2.15 16.35
C LEU B 223 -11.59 2.13 17.72
N THR B 224 -12.24 1.50 18.70
CA THR B 224 -11.65 1.54 20.03
C THR B 224 -10.40 0.69 20.15
N ALA B 225 -10.29 -0.33 19.31
CA ALA B 225 -9.05 -1.11 19.26
C ALA B 225 -7.90 -0.22 18.87
N LYS B 226 -8.13 0.57 17.84
CA LYS B 226 -7.09 1.49 17.40
C LYS B 226 -6.73 2.50 18.48
N GLU B 227 -7.77 3.10 19.05
CA GLU B 227 -7.65 4.02 20.19
C GLU B 227 -6.76 3.44 21.27
N HIS B 228 -6.88 2.13 21.50
CA HIS B 228 -6.02 1.44 22.48
C HIS B 228 -4.73 0.76 22.00
N ARG B 229 -4.39 0.87 20.72
CA ARG B 229 -3.25 0.16 20.14
C ARG B 229 -3.39 -1.36 20.28
N VAL B 230 -4.57 -1.89 20.02
CA VAL B 230 -4.76 -3.34 19.99
C VAL B 230 -4.86 -3.76 18.56
N TRP B 231 -4.07 -4.77 18.16
CA TRP B 231 -4.04 -5.08 16.72
C TRP B 231 -5.38 -5.60 16.34
N VAL B 232 -5.86 -5.12 15.18
CA VAL B 232 -7.05 -5.61 14.55
C VAL B 232 -6.61 -6.43 13.37
N MET B 233 -7.08 -7.68 13.34
CA MET B 233 -6.65 -8.66 12.37
C MET B 233 -7.91 -9.17 11.72
N ILE B 234 -7.96 -9.13 10.40
CA ILE B 234 -9.14 -9.54 9.70
C ILE B 234 -8.77 -10.85 9.01
N ALA B 235 -9.43 -11.96 9.40
CA ALA B 235 -9.21 -13.27 8.78
C ALA B 235 -10.15 -13.40 7.60
N ALA B 236 -9.58 -13.44 6.38
CA ALA B 236 -10.42 -13.45 5.19
C ALA B 236 -9.76 -14.05 3.95
N GLU B 237 -10.58 -14.83 3.24
CA GLU B 237 -10.20 -15.54 2.06
C GLU B 237 -10.14 -14.56 0.92
N THR B 238 -9.29 -14.83 -0.07
CA THR B 238 -9.24 -14.01 -1.27
C THR B 238 -10.61 -13.81 -1.97
N TYR B 239 -11.54 -14.74 -1.84
CA TYR B 239 -12.86 -14.53 -2.50
C TYR B 239 -13.78 -13.59 -1.69
N LYS B 240 -13.30 -13.11 -0.54
CA LYS B 240 -13.99 -12.06 0.15
C LYS B 240 -13.64 -10.69 -0.51
N PHE B 241 -12.66 -10.62 -1.43
CA PHE B 241 -12.23 -9.35 -1.99
C PHE B 241 -13.13 -9.00 -3.16
N HIS B 242 -13.48 -7.72 -3.30
CA HIS B 242 -14.64 -7.31 -4.10
C HIS B 242 -14.17 -6.58 -5.34
N PRO B 243 -14.30 -7.23 -6.51
CA PRO B 243 -13.71 -6.68 -7.73
C PRO B 243 -14.46 -5.51 -8.31
N ALA B 244 -15.80 -5.49 -8.27
CA ALA B 244 -16.50 -4.27 -8.74
C ALA B 244 -15.95 -2.96 -8.11
N THR B 245 -15.37 -3.02 -6.91
CA THR B 245 -14.89 -1.81 -6.26
C THR B 245 -13.69 -1.20 -6.93
N MET B 246 -12.89 -1.98 -7.68
CA MET B 246 -11.72 -1.42 -8.39
C MET B 246 -12.16 -0.37 -9.40
N LEU B 247 -13.39 -0.48 -9.89
CA LEU B 247 -13.92 0.43 -10.85
C LEU B 247 -14.92 1.37 -10.23
N GLY B 248 -14.91 1.56 -8.91
CA GLY B 248 -15.72 2.59 -8.24
C GLY B 248 -17.03 2.16 -7.57
N GLN B 249 -17.40 0.89 -7.70
CA GLN B 249 -18.65 0.40 -7.17
C GLN B 249 -18.66 0.52 -5.66
N LEU B 250 -19.77 1.09 -5.15
CA LEU B 250 -20.08 1.05 -3.72
C LEU B 250 -20.79 -0.22 -3.42
N VAL B 251 -20.46 -0.81 -2.27
CA VAL B 251 -21.06 -2.06 -1.81
C VAL B 251 -22.38 -1.83 -1.05
N GLU B 252 -23.45 -2.44 -1.52
CA GLU B 252 -24.73 -2.37 -0.86
C GLU B 252 -24.64 -2.97 0.55
N ILE B 253 -25.11 -2.21 1.51
CA ILE B 253 -25.29 -2.68 2.86
C ILE B 253 -26.72 -3.21 3.04
N GLU B 254 -26.83 -4.48 3.40
CA GLU B 254 -28.10 -5.19 3.51
C GLU B 254 -28.90 -4.66 4.69
N MET B 255 -30.15 -4.28 4.42
CA MET B 255 -31.10 -3.84 5.43
C MET B 255 -32.04 -5.00 5.62
N ARG B 256 -31.88 -5.70 6.74
CA ARG B 256 -32.72 -6.85 7.04
C ARG B 256 -33.96 -6.43 7.83
N ASP B 257 -34.82 -7.42 8.04
CA ASP B 257 -36.13 -7.22 8.57
C ASP B 257 -36.13 -6.63 10.01
N PRO B 258 -36.93 -5.57 10.26
CA PRO B 258 -37.04 -5.02 11.64
C PRO B 258 -37.40 -6.02 12.74
N THR B 259 -38.15 -7.05 12.39
CA THR B 259 -38.51 -8.13 13.32
C THR B 259 -37.35 -8.93 13.90
N GLU B 260 -36.19 -8.89 13.25
CA GLU B 260 -34.97 -9.45 13.86
C GLU B 260 -34.54 -8.69 15.13
N VAL B 261 -34.85 -7.41 15.17
CA VAL B 261 -34.45 -6.52 16.27
C VAL B 261 -35.53 -6.60 17.34
N ILE B 262 -36.77 -6.23 16.95
CA ILE B 262 -37.97 -6.32 17.82
C ILE B 262 -38.92 -7.42 17.29
N PRO B 263 -39.09 -8.55 18.01
CA PRO B 263 -40.02 -9.63 17.55
C PRO B 263 -41.42 -9.17 17.16
N GLU B 264 -41.94 -9.69 16.06
CA GLU B 264 -43.27 -9.37 15.48
C GLU B 264 -44.43 -9.09 16.47
N GLU B 265 -44.60 -9.95 17.49
CA GLU B 265 -45.67 -9.79 18.52
C GLU B 265 -45.65 -8.40 19.15
N GLU B 266 -44.45 -8.06 19.64
CA GLU B 266 -44.18 -6.78 20.28
C GLU B 266 -44.23 -5.59 19.30
N LEU B 267 -43.56 -5.73 18.16
CA LEU B 267 -43.38 -4.61 17.21
C LEU B 267 -44.70 -4.15 16.60
N ARG B 268 -45.69 -5.03 16.53
CA ARG B 268 -47.00 -4.61 16.03
C ARG B 268 -47.70 -3.64 16.97
N THR B 269 -47.36 -3.67 18.26
CA THR B 269 -47.93 -2.76 19.26
C THR B 269 -47.28 -1.37 19.32
N TRP B 270 -46.17 -1.16 18.61
CA TRP B 270 -45.44 0.11 18.67
C TRP B 270 -46.06 1.11 17.74
N PRO B 271 -45.99 2.42 18.06
CA PRO B 271 -46.62 3.37 17.12
C PRO B 271 -45.86 3.52 15.81
N LYS B 272 -46.58 3.95 14.79
CA LYS B 272 -46.07 4.22 13.44
C LYS B 272 -44.85 5.16 13.34
N ASN B 273 -44.65 6.06 14.29
CA ASN B 273 -43.58 7.05 14.17
C ASN B 273 -42.25 6.56 14.80
N ILE B 274 -42.20 5.29 15.25
CA ILE B 274 -40.93 4.58 15.48
C ILE B 274 -40.59 3.74 14.24
N GLU B 275 -39.36 3.88 13.73
CA GLU B 275 -38.86 3.12 12.58
C GLU B 275 -37.73 2.27 13.06
N VAL B 276 -37.84 0.96 12.92
CA VAL B 276 -36.73 0.10 13.33
C VAL B 276 -35.84 -0.02 12.15
N TRP B 277 -34.55 0.29 12.29
CA TRP B 277 -33.58 0.16 11.19
C TRP B 277 -32.55 -0.93 11.49
N ASN B 278 -32.33 -1.87 10.55
CA ASN B 278 -31.53 -3.08 10.83
C ASN B 278 -30.47 -3.30 9.77
N PRO B 279 -29.43 -2.43 9.79
CA PRO B 279 -28.26 -2.73 8.93
C PRO B 279 -27.57 -3.95 9.46
N ALA B 280 -27.21 -4.82 8.53
CA ALA B 280 -26.55 -6.10 8.83
C ALA B 280 -25.06 -6.01 8.81
N PHE B 281 -24.55 -4.90 8.25
CA PHE B 281 -23.10 -4.69 8.05
C PHE B 281 -22.75 -3.23 8.27
N ASP B 282 -21.48 -2.99 8.56
CA ASP B 282 -20.89 -1.68 8.50
C ASP B 282 -19.51 -1.76 7.84
N VAL B 283 -18.98 -0.60 7.52
CA VAL B 283 -17.70 -0.46 6.85
C VAL B 283 -16.67 0.01 7.84
N THR B 284 -15.59 -0.76 7.96
CA THR B 284 -14.45 -0.43 8.79
C THR B 284 -13.33 0.12 7.91
N PRO B 285 -12.95 1.37 8.12
CA PRO B 285 -11.88 1.93 7.25
C PRO B 285 -10.53 1.33 7.44
N PRO B 286 -9.71 1.35 6.40
CA PRO B 286 -8.46 0.62 6.40
C PRO B 286 -7.45 1.07 7.46
N GLU B 287 -7.49 2.36 7.81
CA GLU B 287 -6.66 2.91 8.91
C GLU B 287 -6.85 2.21 10.26
N TYR B 288 -8.01 1.56 10.48
CA TYR B 288 -8.29 0.84 11.73
C TYR B 288 -7.99 -0.67 11.64
N ILE B 289 -7.44 -1.14 10.53
CA ILE B 289 -7.04 -2.53 10.36
C ILE B 289 -5.53 -2.64 10.19
N ASP B 290 -4.90 -3.46 11.03
CA ASP B 290 -3.47 -3.71 11.01
C ASP B 290 -3.07 -4.77 9.98
N VAL B 291 -3.70 -5.95 9.97
CA VAL B 291 -3.49 -6.91 8.86
C VAL B 291 -4.74 -7.55 8.37
N ILE B 292 -4.72 -8.02 7.12
CA ILE B 292 -5.71 -8.94 6.61
C ILE B 292 -4.91 -10.22 6.44
N ILE B 293 -5.49 -11.35 6.81
CA ILE B 293 -4.82 -12.65 6.79
C ILE B 293 -5.58 -13.43 5.76
N THR B 294 -4.97 -13.61 4.60
CA THR B 294 -5.56 -14.44 3.55
C THR B 294 -4.82 -15.78 3.48
N GLU B 295 -5.30 -16.68 2.65
CA GLU B 295 -4.62 -17.97 2.45
C GLU B 295 -3.26 -17.81 1.79
N ARG B 296 -3.02 -16.68 1.14
CA ARG B 296 -1.72 -16.39 0.56
C ARG B 296 -0.83 -15.57 1.42
N GLY B 297 -1.27 -15.21 2.61
CA GLY B 297 -0.40 -14.51 3.58
C GLY B 297 -0.98 -13.23 4.19
N ILE B 298 -0.16 -12.61 5.02
CA ILE B 298 -0.45 -11.37 5.71
C ILE B 298 -0.24 -10.26 4.71
N ILE B 299 -1.24 -9.39 4.58
CA ILE B 299 -1.08 -8.12 3.89
C ILE B 299 -1.58 -6.98 4.77
N PRO B 300 -1.04 -5.75 4.54
CA PRO B 300 -1.74 -4.61 5.10
C PRO B 300 -2.97 -4.35 4.23
N PRO B 301 -4.00 -3.70 4.79
CA PRO B 301 -5.28 -3.59 4.07
C PRO B 301 -5.20 -2.85 2.75
N TYR B 302 -4.22 -1.97 2.62
CA TYR B 302 -3.99 -1.16 1.40
C TYR B 302 -3.54 -2.04 0.20
N ALA B 303 -2.93 -3.20 0.49
CA ALA B 303 -2.70 -4.20 -0.55
C ALA B 303 -3.94 -4.95 -1.00
N ALA B 304 -5.12 -4.65 -0.46
CA ALA B 304 -6.31 -5.25 -1.08
C ALA B 304 -6.36 -5.07 -2.59
N ILE B 305 -5.82 -3.98 -3.10
CA ILE B 305 -5.87 -3.74 -4.54
C ILE B 305 -4.98 -4.73 -5.32
N ASP B 306 -3.84 -5.10 -4.75
CA ASP B 306 -2.97 -6.15 -5.31
C ASP B 306 -3.70 -7.47 -5.47
N ILE B 307 -4.28 -8.01 -4.40
CA ILE B 307 -5.16 -9.19 -4.48
C ILE B 307 -6.18 -9.00 -5.60
N LEU B 308 -6.85 -7.88 -5.63
CA LEU B 308 -7.88 -7.69 -6.64
C LEU B 308 -7.30 -7.65 -8.04
N LYS B 309 -6.16 -7.00 -8.21
CA LYS B 309 -5.49 -6.87 -9.52
C LYS B 309 -5.08 -8.22 -10.10
N GLU B 310 -4.31 -8.97 -9.33
CA GLU B 310 -3.65 -10.18 -9.84
C GLU B 310 -4.61 -11.34 -10.06
N GLU B 311 -5.79 -11.32 -9.42
CA GLU B 311 -6.71 -12.45 -9.49
C GLU B 311 -8.12 -12.15 -10.04
N PHE B 312 -8.58 -10.89 -10.06
CA PHE B 312 -9.95 -10.53 -10.49
C PHE B 312 -10.06 -9.42 -11.55
N GLY B 313 -8.98 -8.67 -11.75
CA GLY B 313 -8.99 -7.50 -12.62
C GLY B 313 -9.43 -7.85 -14.03
N TRP B 314 -8.86 -8.98 -14.51
CA TRP B 314 -9.06 -9.49 -15.89
C TRP B 314 -10.51 -9.52 -16.35
N ALA B 315 -11.42 -9.82 -15.40
CA ALA B 315 -12.82 -10.11 -15.66
C ALA B 315 -13.71 -8.90 -15.77
N LEU B 316 -13.18 -7.71 -15.46
CA LEU B 316 -14.00 -6.49 -15.37
C LEU B 316 -14.28 -5.84 -16.74
N LYS B 317 -13.46 -6.14 -17.75
CA LYS B 317 -13.81 -5.80 -19.16
C LYS B 317 -15.00 -6.64 -19.71
N TYR B 318 -15.20 -7.86 -19.20
CA TYR B 318 -16.36 -8.65 -19.56
C TYR B 318 -17.51 -8.37 -18.62
N LYS B 319 -18.72 -8.41 -19.16
CA LYS B 319 -19.94 -8.53 -18.35
C LYS B 319 -19.94 -9.81 -17.43
N GLU B 320 -21.06 -10.07 -16.76
CA GLU B 320 -21.12 -11.10 -15.71
C GLU B 320 -21.32 -12.46 -16.39
N PRO B 321 -20.57 -13.51 -15.96
CA PRO B 321 -20.56 -14.74 -16.73
C PRO B 321 -21.83 -15.55 -16.67
N TRP B 322 -22.86 -15.05 -15.99
CA TRP B 322 -24.20 -15.64 -16.09
C TRP B 322 -25.13 -14.79 -16.94
N GLU B 323 -24.64 -13.74 -17.60
CA GLU B 323 -25.51 -12.84 -18.34
C GLU B 323 -25.52 -13.17 -19.84
N ASP B 324 -26.66 -12.80 -20.47
CA ASP B 324 -27.05 -13.16 -21.85
C ASP B 324 -26.43 -12.18 -22.80
N ALA C 3 31.40 -32.04 11.92
CA ALA C 3 32.11 -31.44 10.75
C ALA C 3 33.36 -30.64 11.18
N MET C 4 34.26 -30.41 10.23
CA MET C 4 35.48 -29.64 10.49
C MET C 4 35.20 -28.18 10.13
N ILE C 5 34.79 -27.40 11.14
CA ILE C 5 34.44 -25.98 10.98
C ILE C 5 35.66 -25.16 11.28
N VAL C 6 35.99 -24.24 10.38
CA VAL C 6 37.19 -23.41 10.57
C VAL C 6 37.04 -22.38 11.68
N LYS C 7 38.17 -21.99 12.24
CA LYS C 7 38.23 -21.11 13.39
C LYS C 7 37.50 -19.81 13.13
N GLU C 8 37.65 -19.30 11.90
CA GLU C 8 37.11 -17.98 11.50
C GLU C 8 35.57 -17.91 11.65
N VAL C 9 34.88 -19.02 11.35
CA VAL C 9 33.45 -19.16 11.63
C VAL C 9 33.16 -19.00 13.14
N TYR C 10 33.88 -19.71 14.02
CA TYR C 10 33.68 -19.58 15.48
C TYR C 10 34.09 -18.21 16.01
N GLU C 11 35.11 -17.56 15.45
CA GLU C 11 35.44 -16.19 15.89
C GLU C 11 34.33 -15.21 15.48
N THR C 12 33.75 -15.42 14.29
CA THR C 12 32.72 -14.52 13.79
C THR C 12 31.48 -14.63 14.63
N ALA C 13 31.02 -15.84 14.88
CA ALA C 13 29.89 -16.02 15.79
C ALA C 13 30.13 -15.36 17.17
N GLU C 14 31.32 -15.51 17.74
CA GLU C 14 31.60 -14.99 19.06
C GLU C 14 31.54 -13.49 19.05
N LYS C 15 32.09 -12.88 18.01
CA LYS C 15 32.11 -11.41 17.90
C LYS C 15 30.76 -10.82 17.50
N ILE C 16 29.86 -11.63 16.95
CA ILE C 16 28.48 -11.24 16.72
C ILE C 16 27.68 -11.30 18.03
N LYS C 17 27.77 -12.38 18.80
CA LYS C 17 27.04 -12.45 20.09
C LYS C 17 27.46 -11.33 21.02
N SER C 18 28.76 -11.11 21.17
CA SER C 18 29.26 -10.05 22.04
C SER C 18 29.02 -8.60 21.55
N MET C 19 28.49 -8.45 20.32
CA MET C 19 28.35 -7.16 19.59
C MET C 19 29.64 -6.35 19.29
N GLU C 20 30.79 -7.01 19.29
CA GLU C 20 32.05 -6.39 18.86
C GLU C 20 31.96 -6.02 17.35
N ILE C 21 31.33 -6.93 16.60
CA ILE C 21 30.84 -6.68 15.24
C ILE C 21 29.28 -6.56 15.33
N ARG C 22 28.74 -5.45 14.82
CA ARG C 22 27.31 -5.08 15.00
C ARG C 22 26.78 -4.20 13.85
N GLY C 23 25.50 -3.85 13.89
CA GLY C 23 24.83 -3.23 12.73
C GLY C 23 24.27 -4.34 11.86
N ALA C 24 23.00 -4.25 11.47
CA ALA C 24 22.34 -5.30 10.67
C ALA C 24 23.04 -5.66 9.33
N GLY C 25 23.40 -4.65 8.54
CA GLY C 25 24.27 -4.85 7.35
C GLY C 25 25.61 -5.49 7.70
N ARG C 26 26.38 -4.85 8.53
CA ARG C 26 27.72 -5.37 8.86
C ARG C 26 27.80 -6.88 9.25
N ILE C 27 26.87 -7.32 10.10
CA ILE C 27 26.86 -8.70 10.60
C ILE C 27 26.39 -9.64 9.51
N ALA C 28 25.53 -9.15 8.63
CA ALA C 28 25.17 -9.89 7.41
C ALA C 28 26.39 -10.17 6.53
N ARG C 29 27.18 -9.15 6.30
CA ARG C 29 28.39 -9.28 5.51
C ARG C 29 29.34 -10.21 6.21
N ALA C 30 29.35 -10.22 7.54
CA ALA C 30 30.33 -11.00 8.28
C ALA C 30 30.01 -12.49 8.29
N ALA C 31 28.73 -12.83 8.24
CA ALA C 31 28.33 -14.20 8.09
C ALA C 31 28.58 -14.72 6.68
N ALA C 32 28.47 -13.83 5.69
CA ALA C 32 28.83 -14.18 4.33
C ALA C 32 30.34 -14.44 4.25
N GLN C 33 31.14 -13.52 4.77
CA GLN C 33 32.61 -13.59 4.86
C GLN C 33 33.12 -14.90 5.46
N ALA C 34 32.48 -15.30 6.56
CA ALA C 34 32.81 -16.52 7.27
C ALA C 34 32.39 -17.77 6.48
N LEU C 35 31.24 -17.76 5.81
CA LEU C 35 30.91 -18.86 4.91
C LEU C 35 31.98 -18.96 3.86
N MET C 36 32.33 -17.80 3.29
CA MET C 36 33.40 -17.69 2.30
C MET C 36 34.72 -18.29 2.79
N ILE C 37 35.14 -17.97 4.00
CA ILE C 37 36.35 -18.57 4.59
C ILE C 37 36.21 -20.09 4.85
N GLN C 38 35.06 -20.56 5.34
CA GLN C 38 34.87 -22.03 5.51
C GLN C 38 35.21 -22.72 4.18
N ALA C 39 34.59 -22.25 3.09
CA ALA C 39 34.82 -22.80 1.75
C ALA C 39 36.30 -22.69 1.28
N GLU C 40 36.89 -21.50 1.36
CA GLU C 40 38.29 -21.26 0.97
C GLU C 40 39.25 -22.21 1.72
N LYS C 41 39.21 -22.22 3.05
CA LYS C 41 40.07 -23.08 3.90
C LYS C 41 39.61 -24.53 4.15
N SER C 42 38.58 -25.01 3.45
CA SER C 42 38.03 -26.34 3.77
C SER C 42 38.98 -27.44 3.34
N LYS C 43 39.05 -28.49 4.15
CA LYS C 43 39.91 -29.62 3.85
C LYS C 43 39.04 -30.82 3.48
N ALA C 44 37.98 -30.55 2.72
CA ALA C 44 37.00 -31.56 2.40
C ALA C 44 37.29 -32.17 1.02
N LYS C 45 37.42 -33.49 0.97
CA LYS C 45 37.86 -34.17 -0.25
C LYS C 45 36.68 -34.44 -1.17
N GLU C 46 35.46 -34.43 -0.62
CA GLU C 46 34.25 -34.85 -1.34
C GLU C 46 33.22 -33.71 -1.33
N PRO C 47 32.31 -33.62 -2.33
CA PRO C 47 31.28 -32.56 -2.34
C PRO C 47 30.19 -32.67 -1.23
N GLU C 48 29.94 -33.89 -0.76
CA GLU C 48 29.11 -34.17 0.40
C GLU C 48 29.66 -33.53 1.67
N GLU C 49 30.99 -33.50 1.77
CA GLU C 49 31.65 -33.17 3.00
C GLU C 49 31.65 -31.66 3.18
N LEU C 50 31.83 -30.93 2.07
CA LEU C 50 31.81 -29.45 2.09
C LEU C 50 30.40 -28.91 2.39
N TRP C 51 29.41 -29.48 1.71
CA TRP C 51 27.98 -29.19 1.95
C TRP C 51 27.61 -29.31 3.40
N ASN C 52 28.08 -30.37 4.04
CA ASN C 52 27.82 -30.58 5.44
C ASN C 52 28.53 -29.53 6.34
N GLU C 53 29.77 -29.21 6.01
CA GLU C 53 30.54 -28.17 6.73
C GLU C 53 29.92 -26.78 6.65
N LEU C 54 29.18 -26.49 5.57
CA LEU C 54 28.58 -25.18 5.32
C LEU C 54 27.22 -25.06 5.99
N LYS C 55 26.41 -26.11 5.86
CA LYS C 55 25.17 -26.26 6.59
C LYS C 55 25.35 -26.04 8.06
N VAL C 56 26.45 -26.61 8.60
CA VAL C 56 26.79 -26.52 10.04
C VAL C 56 27.30 -25.14 10.39
N ALA C 57 28.16 -24.57 9.56
CA ALA C 57 28.63 -23.20 9.74
C ALA C 57 27.48 -22.21 9.66
N SER C 58 26.52 -22.46 8.76
CA SER C 58 25.32 -21.64 8.66
C SER C 58 24.43 -21.66 9.90
N LYS C 59 24.18 -22.85 10.46
CA LYS C 59 23.43 -22.95 11.72
C LYS C 59 24.15 -22.18 12.83
N ILE C 60 25.47 -22.30 12.89
CA ILE C 60 26.23 -21.66 13.94
C ILE C 60 26.02 -20.16 13.86
N LEU C 61 25.95 -19.64 12.65
CA LEU C 61 25.94 -18.21 12.46
C LEU C 61 24.56 -17.64 12.70
N TYR C 62 23.55 -18.37 12.23
CA TYR C 62 22.13 -18.09 12.48
C TYR C 62 21.75 -17.98 13.95
N ASN C 63 22.38 -18.81 14.79
CA ASN C 63 22.07 -18.86 16.24
C ASN C 63 22.93 -17.91 17.05
N THR C 64 23.12 -16.69 16.57
CA THR C 64 23.89 -15.70 17.30
C THR C 64 22.92 -14.65 17.83
N ARG C 65 22.29 -13.93 16.89
CA ARG C 65 21.42 -12.82 17.19
C ARG C 65 20.16 -12.95 16.32
N PRO C 66 18.98 -13.10 16.95
CA PRO C 66 17.80 -13.47 16.19
C PRO C 66 17.14 -12.31 15.46
N THR C 67 17.32 -11.08 15.95
CA THR C 67 16.33 -10.06 15.58
C THR C 67 16.58 -9.47 14.21
N ALA C 68 17.84 -9.29 13.87
CA ALA C 68 18.24 -8.74 12.55
C ALA C 68 18.17 -9.83 11.41
N VAL C 69 17.15 -9.74 10.54
CA VAL C 69 16.93 -10.70 9.45
C VAL C 69 17.99 -10.63 8.36
N SER C 70 18.66 -9.48 8.26
CA SER C 70 19.81 -9.31 7.39
C SER C 70 20.76 -10.50 7.48
N LEU C 71 21.05 -10.96 8.70
CA LEU C 71 21.97 -12.07 8.91
C LEU C 71 21.49 -13.36 8.26
N PRO C 72 20.27 -13.82 8.56
CA PRO C 72 19.80 -15.01 7.85
C PRO C 72 19.57 -14.82 6.35
N ASN C 73 19.16 -13.63 5.94
CA ASN C 73 18.98 -13.37 4.53
C ASN C 73 20.30 -13.47 3.74
N ALA C 74 21.42 -13.16 4.39
CA ALA C 74 22.75 -13.33 3.82
C ALA C 74 23.08 -14.82 3.65
N LEU C 75 22.89 -15.57 4.73
CA LEU C 75 23.12 -17.00 4.74
C LEU C 75 22.26 -17.69 3.67
N ARG C 76 21.02 -17.25 3.47
CA ARG C 76 20.19 -17.73 2.36
C ARG C 76 20.81 -17.49 1.01
N TYR C 77 21.18 -16.25 0.75
CA TYR C 77 21.71 -15.87 -0.54
C TYR C 77 22.81 -16.85 -0.95
N VAL C 78 23.81 -17.03 -0.08
CA VAL C 78 24.77 -18.08 -0.29
C VAL C 78 24.08 -19.49 -0.37
N MET C 79 23.54 -19.98 0.73
CA MET C 79 23.18 -21.38 0.79
C MET C 79 22.09 -21.82 -0.15
N HIS C 80 21.23 -20.93 -0.65
CA HIS C 80 20.23 -21.30 -1.70
C HIS C 80 20.97 -21.76 -2.95
N ARG C 81 22.06 -21.05 -3.25
CA ARG C 81 22.87 -21.22 -4.45
C ARG C 81 23.80 -22.41 -4.28
N VAL C 82 24.41 -22.53 -3.10
CA VAL C 82 25.21 -23.70 -2.74
C VAL C 82 24.35 -24.96 -2.79
N LYS C 83 23.13 -24.91 -2.28
CA LYS C 83 22.21 -26.04 -2.36
C LYS C 83 21.75 -26.35 -3.81
N ALA C 84 21.58 -25.37 -4.70
CA ALA C 84 21.16 -25.69 -6.08
C ALA C 84 22.27 -26.46 -6.78
N ALA C 85 23.50 -25.95 -6.64
CA ALA C 85 24.70 -26.60 -7.15
C ALA C 85 24.78 -28.07 -6.70
N TYR C 86 24.66 -28.30 -5.39
CA TYR C 86 24.82 -29.65 -4.84
C TYR C 86 23.72 -30.58 -5.36
N LEU C 87 22.45 -30.18 -5.32
CA LEU C 87 21.34 -31.00 -5.85
C LEU C 87 21.39 -31.21 -7.38
N GLY C 88 21.96 -30.24 -8.10
CA GLY C 88 22.21 -30.40 -9.54
C GLY C 88 23.36 -31.34 -9.83
N GLY C 89 24.17 -31.67 -8.81
CA GLY C 89 25.20 -32.69 -8.90
C GLY C 89 26.62 -32.19 -9.00
N ALA C 90 26.82 -30.89 -8.79
CA ALA C 90 28.16 -30.29 -8.84
C ALA C 90 29.23 -31.09 -8.14
N ASP C 91 30.43 -31.11 -8.74
CA ASP C 91 31.62 -31.74 -8.11
C ASP C 91 32.15 -30.80 -7.01
N LEU C 92 33.28 -31.14 -6.38
CA LEU C 92 33.84 -30.35 -5.30
C LEU C 92 34.18 -28.90 -5.67
N GLU C 93 35.19 -28.65 -6.51
CA GLU C 93 35.60 -27.25 -6.76
C GLU C 93 34.47 -26.36 -7.37
N THR C 94 33.53 -26.96 -8.09
CA THR C 94 32.32 -26.28 -8.51
C THR C 94 31.54 -25.75 -7.27
N LEU C 95 31.29 -26.62 -6.30
CA LEU C 95 30.55 -26.23 -5.09
C LEU C 95 31.28 -25.14 -4.33
N ARG C 96 32.57 -25.37 -4.06
CA ARG C 96 33.40 -24.44 -3.28
C ARG C 96 33.41 -23.05 -3.85
N PHE C 97 33.51 -22.96 -5.19
CA PHE C 97 33.49 -21.68 -5.85
C PHE C 97 32.09 -21.07 -5.67
N THR C 98 31.00 -21.82 -5.91
CA THR C 98 29.62 -21.30 -5.72
C THR C 98 29.40 -20.61 -4.34
N ALA C 99 29.96 -21.19 -3.28
CA ALA C 99 29.95 -20.64 -1.93
C ALA C 99 30.72 -19.35 -1.89
N ILE C 100 31.95 -19.40 -2.41
CA ILE C 100 32.84 -18.23 -2.41
C ILE C 100 32.31 -17.04 -3.26
N ASN C 101 31.79 -17.32 -4.43
CA ASN C 101 31.31 -16.28 -5.32
C ASN C 101 29.92 -15.79 -4.91
N SER C 102 29.11 -16.64 -4.27
CA SER C 102 27.86 -16.20 -3.67
C SER C 102 28.09 -15.27 -2.51
N ALA C 103 29.03 -15.60 -1.63
CA ALA C 103 29.42 -14.72 -0.52
C ALA C 103 29.90 -13.38 -1.07
N LYS C 104 30.88 -13.42 -1.97
CA LYS C 104 31.40 -12.18 -2.58
C LYS C 104 30.31 -11.37 -3.30
N GLU C 105 29.36 -12.03 -3.97
CA GLU C 105 28.22 -11.32 -4.61
C GLU C 105 27.43 -10.50 -3.58
N PHE C 106 27.12 -11.14 -2.46
CA PHE C 106 26.30 -10.53 -1.43
C PHE C 106 27.02 -9.38 -0.77
N ILE C 107 28.30 -9.57 -0.51
CA ILE C 107 29.12 -8.54 0.12
C ILE C 107 29.26 -7.30 -0.76
N TYR C 108 29.46 -7.50 -2.07
CA TYR C 108 29.57 -6.39 -3.01
C TYR C 108 28.18 -5.68 -3.14
N ASN C 109 27.10 -6.45 -3.24
CA ASN C 109 25.76 -5.84 -3.36
C ASN C 109 25.30 -5.01 -2.15
N SER C 110 25.61 -5.51 -0.96
CA SER C 110 25.41 -4.77 0.26
C SER C 110 26.08 -3.38 0.17
N GLU C 111 27.38 -3.33 -0.10
CA GLU C 111 28.11 -2.04 -0.20
C GLU C 111 27.49 -1.12 -1.25
N LYS C 112 27.13 -1.65 -2.42
CA LYS C 112 26.42 -0.86 -3.44
C LYS C 112 25.07 -0.35 -2.92
N ALA C 113 24.30 -1.22 -2.28
CA ALA C 113 22.94 -0.88 -1.87
C ALA C 113 22.94 0.30 -0.90
N ILE C 114 23.90 0.28 0.04
CA ILE C 114 24.10 1.32 1.06
C ILE C 114 24.53 2.66 0.47
N GLU C 115 25.47 2.59 -0.45
CA GLU C 115 25.94 3.75 -1.21
C GLU C 115 24.76 4.33 -1.99
N ARG C 116 23.90 3.48 -2.53
CA ARG C 116 22.80 3.93 -3.38
C ARG C 116 21.60 4.49 -2.57
N ILE C 117 21.34 3.90 -1.40
CA ILE C 117 20.43 4.46 -0.40
C ILE C 117 20.87 5.89 -0.02
N GLY C 118 22.17 6.08 0.16
CA GLY C 118 22.69 7.42 0.35
C GLY C 118 22.23 8.42 -0.70
N GLU C 119 22.38 8.08 -1.98
CA GLU C 119 22.07 9.01 -3.07
C GLU C 119 20.60 9.30 -3.20
N ILE C 120 19.79 8.28 -2.99
CA ILE C 120 18.32 8.37 -3.05
C ILE C 120 17.81 9.23 -1.87
N GLY C 121 18.19 8.81 -0.66
CA GLY C 121 17.85 9.53 0.57
C GLY C 121 18.31 10.99 0.64
N ALA C 122 19.53 11.26 0.18
CA ALA C 122 20.02 12.62 0.20
C ALA C 122 19.12 13.58 -0.54
N LYS C 123 18.38 13.10 -1.56
CA LYS C 123 17.51 14.02 -2.31
C LYS C 123 16.35 14.61 -1.50
N ARG C 124 16.01 13.93 -0.43
CA ARG C 124 15.02 14.34 0.52
C ARG C 124 15.56 15.24 1.61
N ILE C 125 16.87 15.33 1.76
CA ILE C 125 17.45 16.31 2.67
C ILE C 125 17.54 17.63 1.87
N GLU C 126 17.17 18.72 2.53
CA GLU C 126 17.07 20.05 1.93
C GLU C 126 18.05 20.90 2.69
N ASP C 127 18.63 21.90 2.02
CA ASP C 127 19.67 22.72 2.67
C ASP C 127 19.10 23.37 3.96
N GLY C 128 19.89 23.38 5.04
CA GLY C 128 19.41 23.97 6.29
C GLY C 128 18.89 22.91 7.27
N ASP C 129 18.52 21.73 6.76
CA ASP C 129 17.84 20.74 7.56
C ASP C 129 18.58 20.40 8.86
N ILE C 130 17.79 20.27 9.92
CA ILE C 130 18.24 19.57 11.13
C ILE C 130 17.66 18.14 11.14
N ILE C 131 18.49 17.16 11.46
CA ILE C 131 18.12 15.79 11.22
C ILE C 131 18.35 15.11 12.50
N MET C 132 17.30 14.46 13.03
CA MET C 132 17.45 13.63 14.20
C MET C 132 17.65 12.20 13.77
N THR C 133 18.59 11.50 14.39
CA THR C 133 18.82 10.07 14.14
C THR C 133 18.89 9.31 15.47
N HIS C 134 19.10 8.00 15.39
CA HIS C 134 19.07 7.13 16.56
C HIS C 134 19.98 5.99 16.25
N CYS C 135 20.59 5.43 17.28
CA CYS C 135 21.67 4.45 17.15
C CYS C 135 22.74 4.88 16.11
N HIS C 136 23.43 3.87 15.60
CA HIS C 136 24.39 4.01 14.56
C HIS C 136 23.98 3.14 13.39
N SER C 137 23.37 3.73 12.36
CA SER C 137 23.03 2.99 11.17
C SER C 137 23.85 3.52 10.00
N LYS C 138 24.56 2.60 9.34
CA LYS C 138 25.33 2.87 8.12
C LYS C 138 24.43 3.32 6.98
N ALA C 139 23.24 2.74 6.86
CA ALA C 139 22.29 3.19 5.85
C ALA C 139 21.82 4.64 6.13
N ALA C 140 21.43 4.92 7.37
CA ALA C 140 21.07 6.30 7.73
C ALA C 140 22.26 7.24 7.53
N ILE C 141 23.46 6.80 7.93
CA ILE C 141 24.64 7.68 7.87
C ILE C 141 25.03 8.01 6.45
N SER C 142 24.78 7.09 5.54
CA SER C 142 25.07 7.30 4.11
C SER C 142 24.16 8.37 3.53
N VAL C 143 22.90 8.44 3.97
CA VAL C 143 21.99 9.54 3.55
C VAL C 143 22.57 10.87 4.05
N MET C 144 22.96 10.91 5.31
CA MET C 144 23.32 12.17 5.90
C MET C 144 24.62 12.63 5.32
N LYS C 145 25.53 11.70 5.06
CA LYS C 145 26.83 12.03 4.51
C LYS C 145 26.74 12.57 3.07
N LYS C 146 25.98 11.87 2.24
CA LYS C 146 25.79 12.27 0.88
C LYS C 146 25.13 13.64 0.80
N ALA C 147 24.16 13.93 1.65
CA ALA C 147 23.54 15.24 1.60
C ALA C 147 24.56 16.33 1.93
N PHE C 148 25.43 16.08 2.91
CA PHE C 148 26.49 17.05 3.26
C PHE C 148 27.52 17.27 2.13
N GLU C 149 27.87 16.19 1.43
CA GLU C 149 28.75 16.26 0.27
C GLU C 149 28.10 17.00 -0.90
N GLN C 150 26.78 17.04 -0.98
CA GLN C 150 26.12 17.86 -1.98
C GLN C 150 26.13 19.37 -1.66
N GLY C 151 26.75 19.77 -0.55
CA GLY C 151 26.84 21.19 -0.16
C GLY C 151 25.73 21.66 0.75
N LYS C 152 24.86 20.77 1.19
CA LYS C 152 23.71 21.19 2.00
C LYS C 152 24.22 21.35 3.42
N ASN C 153 23.94 22.49 4.06
CA ASN C 153 24.38 22.70 5.46
C ASN C 153 23.32 22.05 6.32
N ILE C 154 23.73 21.02 7.02
CA ILE C 154 22.85 20.31 7.88
C ILE C 154 23.45 20.27 9.25
N LYS C 155 22.65 19.86 10.21
CA LYS C 155 23.14 19.51 11.54
C LYS C 155 22.43 18.21 11.89
N VAL C 156 23.10 17.36 12.64
CA VAL C 156 22.49 16.12 13.01
C VAL C 156 22.38 16.07 14.53
N ILE C 157 21.17 15.77 15.01
CA ILE C 157 20.91 15.48 16.43
C ILE C 157 21.06 13.96 16.60
N VAL C 158 22.07 13.59 17.34
CA VAL C 158 22.44 12.20 17.59
C VAL C 158 21.97 11.92 19.00
N THR C 159 21.01 11.03 19.13
CA THR C 159 20.66 10.51 20.43
C THR C 159 21.68 9.44 20.86
N GLU C 160 22.06 9.49 22.11
CA GLU C 160 23.15 8.66 22.60
C GLU C 160 22.88 7.16 22.54
N THR C 161 21.59 6.79 22.51
CA THR C 161 21.18 5.42 22.32
C THR C 161 21.71 4.45 23.39
N ARG C 162 21.08 4.52 24.56
CA ARG C 162 21.36 3.57 25.62
C ARG C 162 20.73 2.21 25.29
N PRO C 163 21.25 1.14 25.89
CA PRO C 163 22.35 1.12 26.87
C PRO C 163 23.76 1.09 26.32
N LYS C 164 23.94 0.59 25.09
CA LYS C 164 25.26 0.36 24.50
C LYS C 164 25.98 1.59 23.94
N TRP C 165 25.34 2.76 24.01
CA TRP C 165 25.97 4.05 23.69
C TRP C 165 26.38 4.21 22.24
N GLN C 166 25.63 3.65 21.31
CA GLN C 166 26.08 3.69 19.92
C GLN C 166 25.99 5.08 19.35
N GLY C 167 25.19 5.95 19.92
CA GLY C 167 25.17 7.35 19.51
C GLY C 167 26.55 7.97 19.51
N LYS C 168 27.41 7.51 20.41
CA LYS C 168 28.79 7.97 20.42
C LYS C 168 29.56 7.66 19.12
N ILE C 169 29.32 6.47 18.57
CA ILE C 169 29.94 6.02 17.30
C ILE C 169 29.43 6.93 16.18
N THR C 170 28.16 7.28 16.22
CA THR C 170 27.54 8.11 15.18
C THR C 170 27.99 9.57 15.27
N ALA C 171 28.25 10.03 16.48
CA ALA C 171 28.59 11.39 16.73
C ALA C 171 29.97 11.68 16.20
N LYS C 172 30.90 10.78 16.51
CA LYS C 172 32.30 10.90 16.10
C LYS C 172 32.39 10.71 14.59
N GLU C 173 31.62 9.73 14.09
CA GLU C 173 31.65 9.45 12.67
C GLU C 173 31.20 10.66 11.84
N LEU C 174 30.06 11.28 12.16
CA LEU C 174 29.56 12.47 11.41
C LEU C 174 30.43 13.74 11.61
N ALA C 175 30.95 13.93 12.81
CA ALA C 175 31.89 15.00 13.09
C ALA C 175 33.11 14.86 12.24
N SER C 176 33.64 13.64 12.14
CA SER C 176 34.73 13.34 11.23
C SER C 176 34.47 13.62 9.74
N TYR C 177 33.24 13.61 9.22
CA TYR C 177 33.00 14.09 7.82
C TYR C 177 32.77 15.59 7.73
N GLY C 178 32.91 16.31 8.85
CA GLY C 178 32.65 17.76 8.89
C GLY C 178 31.22 18.24 9.16
N ILE C 179 30.33 17.30 9.52
CA ILE C 179 28.92 17.58 9.81
C ILE C 179 28.80 17.98 11.28
N PRO C 180 28.25 19.18 11.58
CA PRO C 180 28.04 19.50 12.99
C PRO C 180 27.01 18.57 13.61
N VAL C 181 27.32 18.06 14.81
CA VAL C 181 26.44 17.22 15.62
C VAL C 181 25.98 17.96 16.87
N ILE C 182 24.71 17.76 17.20
CA ILE C 182 24.13 18.05 18.52
C ILE C 182 23.87 16.71 19.20
N TYR C 183 24.48 16.45 20.35
CA TYR C 183 24.40 15.15 21.06
C TYR C 183 23.55 15.28 22.29
N ILE C 184 22.61 14.38 22.47
CA ILE C 184 21.58 14.51 23.52
C ILE C 184 21.20 13.15 24.10
N VAL C 185 20.65 13.12 25.31
CA VAL C 185 20.22 11.81 25.87
C VAL C 185 18.93 11.36 25.16
N ASP C 186 18.64 10.06 25.10
CA ASP C 186 17.40 9.57 24.43
C ASP C 186 16.12 10.34 24.87
N SER C 187 16.00 10.58 26.19
CA SER C 187 14.84 11.25 26.80
C SER C 187 14.53 12.63 26.22
N ALA C 188 15.53 13.29 25.60
CA ALA C 188 15.32 14.62 25.04
C ALA C 188 14.75 14.67 23.62
N ALA C 189 14.33 13.52 23.07
CA ALA C 189 13.91 13.48 21.68
C ALA C 189 12.70 14.35 21.45
N ARG C 190 11.69 14.29 22.31
CA ARG C 190 10.51 15.16 22.11
C ARG C 190 10.83 16.63 22.30
N HIS C 191 11.48 17.00 23.40
CA HIS C 191 11.93 18.37 23.65
C HIS C 191 12.53 19.09 22.40
N TYR C 192 13.30 18.34 21.61
CA TYR C 192 14.00 18.85 20.43
C TYR C 192 13.36 18.49 19.08
N MET C 193 12.21 17.87 19.12
CA MET C 193 11.53 17.55 17.89
C MET C 193 10.98 18.81 17.23
N LYS C 194 10.68 19.83 18.01
CA LYS C 194 10.17 21.09 17.45
C LYS C 194 11.12 21.74 16.48
N MET C 195 12.41 21.65 16.76
CA MET C 195 13.45 22.18 15.92
C MET C 195 13.97 21.17 14.85
N THR C 196 13.50 19.93 14.87
CA THR C 196 13.99 18.91 13.96
C THR C 196 13.19 19.04 12.68
N ASP C 197 13.82 18.87 11.53
CA ASP C 197 13.13 18.92 10.20
C ASP C 197 12.85 17.53 9.61
N LYS C 198 13.72 16.56 9.91
CA LYS C 198 13.64 15.24 9.31
C LYS C 198 14.19 14.27 10.30
N VAL C 199 13.61 13.07 10.34
CA VAL C 199 14.20 12.00 11.09
C VAL C 199 14.67 10.93 10.14
N VAL C 200 15.87 10.43 10.39
CA VAL C 200 16.45 9.39 9.55
C VAL C 200 17.11 8.33 10.40
N MET C 201 16.62 7.09 10.23
CA MET C 201 17.03 5.93 11.04
C MET C 201 17.13 4.68 10.18
N GLY C 202 17.73 3.65 10.77
CA GLY C 202 17.96 2.38 10.13
C GLY C 202 16.90 1.37 10.50
N ALA C 203 17.24 0.10 10.36
CA ALA C 203 16.28 -0.99 10.43
C ALA C 203 17.03 -2.29 10.49
N ASN C 204 16.63 -3.12 11.43
CA ASN C 204 17.12 -4.49 11.60
C ASN C 204 16.25 -5.52 10.88
N SER C 205 14.95 -5.27 10.85
CA SER C 205 14.03 -6.11 10.11
C SER C 205 12.82 -5.26 9.79
N ILE C 206 12.17 -5.55 8.67
CA ILE C 206 11.00 -4.84 8.25
C ILE C 206 9.95 -5.86 7.83
N THR C 207 8.76 -5.77 8.37
CA THR C 207 7.84 -6.88 8.29
C THR C 207 6.92 -6.64 7.10
N ALA C 208 6.08 -7.63 6.80
CA ALA C 208 5.12 -7.61 5.69
C ALA C 208 4.13 -6.45 5.69
N ASN C 209 3.75 -5.96 6.85
CA ASN C 209 2.74 -4.88 6.88
C ASN C 209 3.40 -3.56 7.06
N GLY C 210 4.73 -3.53 7.17
CA GLY C 210 5.45 -2.27 7.15
C GLY C 210 6.11 -1.85 8.44
N ALA C 211 5.94 -2.64 9.49
CA ALA C 211 6.56 -2.24 10.75
C ALA C 211 8.06 -2.40 10.63
N VAL C 212 8.76 -1.57 11.36
CA VAL C 212 10.18 -1.53 11.32
C VAL C 212 10.70 -1.91 12.69
N ILE C 213 11.46 -2.99 12.79
CA ILE C 213 12.10 -3.36 14.04
C ILE C 213 13.46 -2.73 13.95
N ASN C 214 13.81 -1.91 14.93
CA ASN C 214 15.09 -1.23 15.02
C ASN C 214 15.47 -0.95 16.51
N LYS C 215 16.64 -0.40 16.75
CA LYS C 215 17.13 -0.18 18.09
C LYS C 215 16.04 0.36 19.00
N ILE C 216 15.99 -0.23 20.20
CA ILE C 216 15.15 0.24 21.31
C ILE C 216 15.16 1.76 21.42
N GLY C 217 13.97 2.34 21.37
CA GLY C 217 13.81 3.77 21.29
C GLY C 217 13.32 4.30 19.95
N THR C 218 13.58 3.56 18.89
CA THR C 218 13.16 3.98 17.55
C THR C 218 11.68 4.35 17.49
N SER C 219 10.83 3.48 18.00
CA SER C 219 9.37 3.77 18.05
C SER C 219 8.95 5.05 18.82
N LEU C 220 9.69 5.45 19.86
CA LEU C 220 9.37 6.68 20.59
C LEU C 220 9.69 7.90 19.78
N ILE C 221 10.90 7.91 19.18
CA ILE C 221 11.27 8.98 18.25
C ILE C 221 10.26 9.07 17.11
N ALA C 222 9.86 7.93 16.54
CA ALA C 222 8.87 7.94 15.45
C ALA C 222 7.52 8.51 15.86
N LEU C 223 7.04 8.11 17.04
CA LEU C 223 5.80 8.66 17.64
C LEU C 223 5.75 10.19 17.79
N THR C 224 6.77 10.75 18.43
CA THR C 224 6.77 12.19 18.65
C THR C 224 7.06 12.90 17.33
N ALA C 225 7.87 12.28 16.46
CA ALA C 225 8.01 12.76 15.08
C ALA C 225 6.68 12.91 14.35
N LYS C 226 5.90 11.85 14.32
CA LYS C 226 4.55 11.96 13.79
C LYS C 226 3.74 13.09 14.42
N GLU C 227 3.84 13.17 15.76
CA GLU C 227 3.09 14.15 16.57
C GLU C 227 3.33 15.58 16.10
N HIS C 228 4.57 15.85 15.73
CA HIS C 228 5.01 17.16 15.26
C HIS C 228 5.07 17.30 13.73
N ARG C 229 4.53 16.32 12.98
CA ARG C 229 4.56 16.32 11.50
C ARG C 229 5.96 16.45 10.91
N VAL C 230 6.92 15.70 11.43
CA VAL C 230 8.27 15.58 10.95
C VAL C 230 8.39 14.25 10.25
N TRP C 231 8.98 14.29 9.07
CA TRP C 231 9.14 13.10 8.27
C TRP C 231 10.07 12.15 9.00
N VAL C 232 9.64 10.89 8.98
CA VAL C 232 10.40 9.78 9.49
C VAL C 232 10.80 8.92 8.26
N MET C 233 12.09 8.80 8.03
CA MET C 233 12.63 8.08 6.90
C MET C 233 13.49 6.95 7.40
N ILE C 234 13.17 5.76 6.91
CA ILE C 234 13.92 4.58 7.24
C ILE C 234 14.78 4.17 6.03
N ALA C 235 16.08 4.10 6.29
CA ALA C 235 17.06 3.79 5.26
C ALA C 235 17.40 2.32 5.47
N ALA C 236 16.91 1.49 4.55
CA ALA C 236 17.04 0.05 4.72
C ALA C 236 17.20 -0.65 3.39
N GLU C 237 18.30 -1.39 3.29
CA GLU C 237 18.52 -2.35 2.20
C GLU C 237 17.36 -3.31 2.07
N THR C 238 17.16 -3.86 0.87
CA THR C 238 16.11 -4.88 0.69
C THR C 238 16.33 -6.17 1.50
N TYR C 239 17.53 -6.47 1.97
CA TYR C 239 17.75 -7.70 2.73
C TYR C 239 17.39 -7.55 4.22
N LYS C 240 16.89 -6.37 4.61
CA LYS C 240 16.35 -6.17 5.96
C LYS C 240 14.86 -6.51 5.98
N PHE C 241 14.24 -6.72 4.83
CA PHE C 241 12.84 -7.10 4.77
C PHE C 241 12.72 -8.60 5.18
N HIS C 242 11.73 -8.94 6.00
CA HIS C 242 11.64 -10.21 6.77
C HIS C 242 10.63 -11.18 6.11
N PRO C 243 11.15 -12.18 5.37
CA PRO C 243 10.25 -12.97 4.54
C PRO C 243 9.34 -13.87 5.33
N ALA C 244 9.82 -14.40 6.45
CA ALA C 244 8.97 -15.23 7.29
C ALA C 244 7.69 -14.49 7.73
N THR C 245 7.69 -13.16 7.77
CA THR C 245 6.51 -12.42 8.29
C THR C 245 5.34 -12.46 7.32
N MET C 246 5.60 -12.75 6.07
CA MET C 246 4.50 -12.89 5.08
C MET C 246 3.56 -14.04 5.44
N LEU C 247 4.05 -15.05 6.19
CA LEU C 247 3.20 -16.17 6.63
C LEU C 247 2.91 -16.12 8.12
N GLY C 248 2.88 -14.88 8.63
CA GLY C 248 2.41 -14.60 9.97
C GLY C 248 3.43 -14.62 11.08
N GLN C 249 4.69 -14.92 10.82
CA GLN C 249 5.63 -15.02 11.91
C GLN C 249 5.86 -13.67 12.58
N LEU C 250 6.01 -13.72 13.89
CA LEU C 250 6.41 -12.57 14.68
C LEU C 250 7.89 -12.58 14.79
N VAL C 251 8.47 -11.38 14.75
CA VAL C 251 9.89 -11.16 14.94
C VAL C 251 10.13 -11.14 16.44
N GLU C 252 11.05 -12.01 16.83
CA GLU C 252 11.59 -12.11 18.15
C GLU C 252 12.41 -10.89 18.50
N ILE C 253 12.21 -10.37 19.71
CA ILE C 253 12.99 -9.26 20.24
C ILE C 253 14.17 -9.76 21.09
N GLU C 254 15.39 -9.62 20.62
CA GLU C 254 16.51 -10.06 21.42
C GLU C 254 16.52 -9.35 22.74
N MET C 255 16.64 -10.12 23.85
CA MET C 255 16.88 -9.60 25.23
C MET C 255 18.35 -9.85 25.59
N ARG C 256 19.10 -8.82 25.91
CA ARG C 256 20.56 -8.96 26.13
C ARG C 256 20.87 -8.78 27.55
N ASP C 257 22.14 -8.99 27.89
CA ASP C 257 22.57 -9.06 29.28
C ASP C 257 22.15 -7.83 30.06
N PRO C 258 21.65 -8.01 31.31
CA PRO C 258 21.37 -6.85 32.20
C PRO C 258 22.59 -6.03 32.57
N THR C 259 23.76 -6.64 32.47
CA THR C 259 25.03 -5.93 32.68
C THR C 259 25.33 -4.83 31.67
N GLU C 260 24.69 -4.88 30.50
CA GLU C 260 24.83 -3.77 29.55
C GLU C 260 24.20 -2.51 30.10
N VAL C 261 23.14 -2.68 30.91
CA VAL C 261 22.39 -1.59 31.51
C VAL C 261 23.03 -1.16 32.84
N ILE C 262 23.16 -2.08 33.79
CA ILE C 262 23.91 -1.85 35.04
C ILE C 262 25.18 -2.72 35.04
N PRO C 263 26.38 -2.11 35.07
CA PRO C 263 27.63 -2.92 35.17
C PRO C 263 27.63 -3.92 36.36
N GLU C 264 28.38 -5.02 36.24
CA GLU C 264 28.35 -6.12 37.25
C GLU C 264 28.84 -5.76 38.66
N GLU C 265 29.82 -4.86 38.76
CA GLU C 265 30.31 -4.35 40.07
C GLU C 265 29.12 -3.83 40.86
N GLU C 266 28.31 -2.99 40.21
CA GLU C 266 27.13 -2.36 40.81
C GLU C 266 25.92 -3.31 40.89
N LEU C 267 25.58 -4.01 39.80
CA LEU C 267 24.37 -4.84 39.77
C LEU C 267 24.35 -5.93 40.82
N ARG C 268 25.50 -6.56 41.07
CA ARG C 268 25.58 -7.62 42.10
C ARG C 268 25.14 -7.15 43.50
N THR C 269 25.38 -5.87 43.81
CA THR C 269 24.95 -5.28 45.09
C THR C 269 23.45 -5.08 45.17
N TRP C 270 22.81 -4.73 44.05
CA TRP C 270 21.35 -4.55 44.03
C TRP C 270 20.58 -5.80 44.50
N PRO C 271 19.37 -5.62 45.11
CA PRO C 271 18.51 -6.73 45.58
C PRO C 271 17.80 -7.50 44.46
N LYS C 272 17.26 -8.65 44.83
CA LYS C 272 16.76 -9.61 43.85
C LYS C 272 15.44 -9.18 43.30
N ASN C 273 14.70 -8.40 44.10
CA ASN C 273 13.41 -7.92 43.66
C ASN C 273 13.49 -6.69 42.73
N ILE C 274 14.70 -6.35 42.23
CA ILE C 274 14.83 -5.49 41.06
C ILE C 274 15.23 -6.34 39.87
N GLU C 275 14.33 -6.51 38.88
CA GLU C 275 14.65 -7.21 37.63
C GLU C 275 15.05 -6.13 36.62
N VAL C 276 16.18 -6.28 35.93
CA VAL C 276 16.61 -5.33 34.87
C VAL C 276 16.30 -5.95 33.50
N TRP C 277 15.47 -5.30 32.70
CA TRP C 277 15.06 -5.82 31.39
C TRP C 277 15.73 -5.00 30.30
N ASN C 278 16.38 -5.69 29.35
CA ASN C 278 17.16 -5.01 28.31
C ASN C 278 16.78 -5.43 26.93
N PRO C 279 15.61 -4.99 26.47
CA PRO C 279 15.27 -5.25 25.09
C PRO C 279 16.16 -4.43 24.17
N ALA C 280 16.66 -5.07 23.13
CA ALA C 280 17.55 -4.43 22.16
C ALA C 280 16.81 -3.76 21.03
N PHE C 281 15.55 -4.11 20.81
CA PHE C 281 14.79 -3.50 19.71
C PHE C 281 13.39 -3.21 20.15
N ASP C 282 12.73 -2.33 19.44
CA ASP C 282 11.28 -2.19 19.52
C ASP C 282 10.69 -2.15 18.10
N VAL C 283 9.38 -1.99 18.04
CA VAL C 283 8.66 -2.15 16.82
C VAL C 283 7.97 -0.82 16.54
N THR C 284 8.32 -0.18 15.44
CA THR C 284 7.64 1.02 15.00
C THR C 284 6.53 0.61 14.03
N PRO C 285 5.32 1.10 14.28
CA PRO C 285 4.28 0.74 13.34
C PRO C 285 4.37 1.57 12.09
N PRO C 286 3.84 1.06 10.98
CA PRO C 286 4.00 1.72 9.70
C PRO C 286 3.36 3.08 9.60
N GLU C 287 2.30 3.31 10.38
CA GLU C 287 1.64 4.62 10.32
C GLU C 287 2.55 5.80 10.77
N TYR C 288 3.61 5.53 11.53
CA TYR C 288 4.58 6.53 11.98
C TYR C 288 5.85 6.66 11.10
N ILE C 289 5.82 6.01 9.95
CA ILE C 289 6.91 5.98 8.98
C ILE C 289 6.34 6.55 7.71
N ASP C 290 7.05 7.52 7.13
CA ASP C 290 6.59 8.20 5.94
C ASP C 290 7.19 7.51 4.74
N VAL C 291 8.48 7.17 4.75
CA VAL C 291 9.13 6.39 3.69
C VAL C 291 10.21 5.40 4.21
N ILE C 292 10.32 4.27 3.50
CA ILE C 292 11.50 3.42 3.57
C ILE C 292 12.27 3.73 2.27
N ILE C 293 13.56 3.98 2.46
CA ILE C 293 14.49 4.18 1.38
C ILE C 293 15.28 2.88 1.19
N THR C 294 15.07 2.22 0.06
CA THR C 294 15.84 1.03 -0.31
C THR C 294 16.73 1.38 -1.46
N GLU C 295 17.65 0.46 -1.79
CA GLU C 295 18.50 0.62 -2.99
C GLU C 295 17.74 0.62 -4.32
N ARG C 296 16.47 0.26 -4.34
CA ARG C 296 15.67 0.31 -5.56
C ARG C 296 14.59 1.39 -5.53
N GLY C 297 14.63 2.28 -4.53
CA GLY C 297 13.70 3.38 -4.44
C GLY C 297 13.01 3.59 -3.10
N ILE C 298 12.22 4.65 -3.14
CA ILE C 298 11.40 5.15 -2.08
C ILE C 298 10.11 4.39 -2.15
N ILE C 299 9.68 3.82 -1.03
CA ILE C 299 8.35 3.17 -0.94
C ILE C 299 7.66 3.72 0.31
N PRO C 300 6.33 3.89 0.26
CA PRO C 300 5.63 3.98 1.55
C PRO C 300 5.82 2.68 2.34
N PRO C 301 5.81 2.73 3.70
CA PRO C 301 5.95 1.49 4.50
C PRO C 301 4.99 0.35 4.13
N TYR C 302 3.81 0.66 3.62
CA TYR C 302 2.85 -0.35 3.21
C TYR C 302 3.16 -1.21 1.95
N ALA C 303 4.28 -0.91 1.27
CA ALA C 303 4.69 -1.69 0.11
C ALA C 303 5.85 -2.58 0.50
N ALA C 304 6.12 -2.73 1.79
CA ALA C 304 7.12 -3.66 2.19
C ALA C 304 6.72 -5.02 1.65
N ILE C 305 5.42 -5.31 1.66
CA ILE C 305 4.90 -6.59 1.13
C ILE C 305 5.27 -6.87 -0.36
N ASP C 306 5.28 -5.83 -1.20
CA ASP C 306 5.71 -5.91 -2.61
C ASP C 306 7.18 -6.30 -2.71
N ILE C 307 8.06 -5.63 -1.98
CA ILE C 307 9.49 -6.00 -1.88
C ILE C 307 9.66 -7.49 -1.50
N LEU C 308 8.89 -7.96 -0.53
CA LEU C 308 8.93 -9.37 -0.11
C LEU C 308 8.35 -10.32 -1.15
N LYS C 309 7.20 -9.99 -1.73
CA LYS C 309 6.54 -10.88 -2.68
C LYS C 309 7.50 -11.09 -3.83
N GLU C 310 8.07 -9.99 -4.32
CA GLU C 310 8.84 -9.99 -5.56
C GLU C 310 10.30 -10.45 -5.41
N GLU C 311 10.82 -10.57 -4.20
CA GLU C 311 12.21 -10.96 -4.05
C GLU C 311 12.54 -12.20 -3.20
N PHE C 312 11.71 -12.46 -2.17
CA PHE C 312 11.92 -13.54 -1.19
C PHE C 312 10.75 -14.56 -1.08
N GLY C 313 9.66 -14.32 -1.82
CA GLY C 313 8.37 -14.99 -1.61
C GLY C 313 8.36 -16.43 -2.09
N TRP C 314 8.99 -16.63 -3.26
CA TRP C 314 9.37 -17.96 -3.81
C TRP C 314 9.91 -19.00 -2.76
N ALA C 315 10.81 -18.53 -1.88
CA ALA C 315 11.57 -19.38 -0.96
C ALA C 315 10.77 -19.96 0.24
N LEU C 316 9.58 -19.42 0.51
CA LEU C 316 8.80 -19.82 1.70
C LEU C 316 8.18 -21.22 1.67
N LYS C 317 7.88 -21.74 0.48
CA LYS C 317 7.41 -23.14 0.31
C LYS C 317 8.52 -24.20 0.59
N TYR C 318 9.79 -23.83 0.42
CA TYR C 318 10.95 -24.69 0.79
C TYR C 318 11.45 -24.39 2.23
N LYS C 319 12.10 -25.38 2.82
CA LYS C 319 12.76 -25.26 4.13
C LYS C 319 14.06 -24.48 3.98
N GLU C 320 14.68 -24.18 5.10
CA GLU C 320 15.85 -23.30 5.13
C GLU C 320 16.99 -24.02 4.39
N PRO C 321 17.73 -23.31 3.50
CA PRO C 321 18.78 -23.93 2.67
C PRO C 321 19.73 -24.85 3.41
N TRP C 322 20.27 -24.35 4.51
CA TRP C 322 21.10 -25.13 5.41
C TRP C 322 20.38 -26.26 6.25
N GLU C 323 19.31 -26.84 5.75
CA GLU C 323 18.60 -27.88 6.49
C GLU C 323 18.54 -29.14 5.64
N ASP C 324 18.27 -30.27 6.32
CA ASP C 324 18.21 -31.62 5.74
C ASP C 324 17.05 -32.42 6.36
P RI2 D . -7.00 19.00 -14.03
C1 RI2 D . -4.35 22.87 -11.60
O1 RI2 D . -3.16 23.70 -11.51
C2 RI2 D . -5.20 22.82 -10.34
O2 RI2 D . -4.28 22.74 -9.22
C3 RI2 D . -5.99 21.53 -10.54
O3 RI2 D . -6.58 20.88 -9.37
C4 RI2 D . -4.91 20.62 -11.15
O4 RI2 D . -3.98 21.48 -11.82
C5 RI2 D . -5.40 19.49 -12.04
O5 RI2 D . -6.45 19.96 -12.87
PA RI2 D . -3.14 25.18 -12.15
O1A RI2 D . -2.08 25.89 -11.32
O1P RI2 D . -7.96 19.86 -14.81
O2A RI2 D . -2.65 24.98 -13.60
O2P RI2 D . -5.83 18.35 -14.81
O3A RI2 D . -4.52 25.86 -12.12
O3P RI2 D . -7.72 17.86 -13.27
K K E . -19.96 15.76 6.99
C1 MRD F . -5.67 17.81 14.43
C2 MRD F . -6.50 16.56 14.60
O2 MRD F . -5.49 15.67 15.04
CM MRD F . -7.65 16.64 15.61
C3 MRD F . -7.15 16.15 13.26
C4 MRD F . -6.65 14.89 12.59
O4 MRD F . -5.24 15.00 12.42
C5 MRD F . -7.31 14.83 11.24
P 5GP G . 3.59 16.99 5.74
O1P 5GP G . 2.88 17.94 4.81
O2P 5GP G . 4.92 17.36 6.29
O3P 5GP G . 2.87 16.68 7.02
O5' 5GP G . 3.75 15.57 5.00
C5' 5GP G . 4.03 15.46 3.58
C4' 5GP G . 4.23 14.02 3.14
O4' 5GP G . 4.47 14.01 1.70
C3' 5GP G . 5.40 13.26 3.78
O3' 5GP G . 5.02 11.92 4.10
C2' 5GP G . 6.51 13.35 2.72
O2' 5GP G . 7.54 12.38 2.96
C1' 5GP G . 5.69 13.31 1.42
N9 5GP G . 6.27 13.83 0.17
C8 5GP G . 6.48 13.08 -0.97
N7 5GP G . 7.02 13.77 -1.95
C5 5GP G . 7.14 15.06 -1.44
C6 5GP G . 7.65 16.24 -2.04
O6 5GP G . 8.09 16.40 -3.19
N1 5GP G . 7.60 17.32 -1.16
C2 5GP G . 7.13 17.28 0.13
N2 5GP G . 7.18 18.43 0.81
N3 5GP G . 6.63 16.18 0.70
C4 5GP G . 6.67 15.12 -0.14
P RI2 H . -16.73 -16.41 7.71
C1 RI2 H . -20.90 -13.12 8.46
O1 RI2 H . -22.09 -12.60 7.90
C2 RI2 H . -20.28 -12.26 9.56
O2 RI2 H . -20.32 -10.86 9.22
C3 RI2 H . -18.84 -12.77 9.56
O3 RI2 H . -17.80 -11.97 10.17
C4 RI2 H . -18.58 -12.90 8.06
O4 RI2 H . -19.84 -13.23 7.45
C5 RI2 H . -17.46 -13.88 7.79
O5 RI2 H . -17.75 -15.22 8.10
PA RI2 H . -23.60 -13.19 8.06
O1A RI2 H . -23.86 -14.04 6.83
O1P RI2 H . -15.31 -16.10 8.07
O2A RI2 H . -24.55 -12.02 7.83
O2P RI2 H . -16.88 -16.51 6.23
O3A RI2 H . -23.70 -13.92 9.38
O3P RI2 H . -17.26 -17.67 8.37
K K I . -4.86 -3.56 25.73
P 5GP J . -44.32 -6.63 8.65
O1P 5GP J . -43.37 -5.72 7.96
O2P 5GP J . -45.68 -6.82 8.06
O3P 5GP J . -43.70 -7.97 8.87
O5' 5GP J . -44.46 -6.06 10.14
C5' 5GP J . -45.23 -6.69 11.17
C4' 5GP J . -45.75 -5.64 12.10
O4' 5GP J . -44.64 -4.77 12.47
C3' 5GP J . -46.84 -4.73 11.51
O3' 5GP J . -47.89 -4.45 12.43
C2' 5GP J . -46.07 -3.49 11.07
O2' 5GP J . -46.82 -2.29 11.16
C1' 5GP J . -44.94 -3.43 12.10
N9 5GP J . -43.71 -2.78 11.62
C8 5GP J . -42.88 -3.19 10.60
N7 5GP J . -41.88 -2.37 10.41
C5 5GP J . -42.06 -1.36 11.35
C6 5GP J . -41.29 -0.21 11.62
O6 5GP J . -40.25 0.17 11.07
N1 5GP J . -41.85 0.55 12.65
C2 5GP J . -42.99 0.21 13.34
N2 5GP J . -43.36 1.06 14.32
N3 5GP J . -43.71 -0.86 13.10
C4 5GP J . -43.19 -1.60 12.10
P 5GP K . -15.91 5.94 6.80
O1P 5GP K . -16.85 6.75 5.99
O2P 5GP K . -16.45 4.78 7.59
O3P 5GP K . -15.14 6.91 7.67
O5' 5GP K . -14.82 5.29 5.81
C5' 5GP K . -15.19 4.37 4.78
C4' 5GP K . -14.09 4.22 3.75
O4' 5GP K . -14.33 3.01 2.98
C3' 5GP K . -13.96 5.38 2.74
O3' 5GP K . -12.67 5.99 2.72
C2' 5GP K . -14.32 4.77 1.38
O2' 5GP K . -13.52 5.37 0.36
C1' 5GP K . -14.16 3.26 1.61
N9 5GP K . -15.06 2.38 0.84
C8 5GP K . -14.70 1.53 -0.17
N7 5GP K . -15.72 0.89 -0.70
C5 5GP K . -16.81 1.34 0.03
C6 5GP K . -18.19 1.01 -0.10
O6 5GP K . -18.72 0.22 -0.88
N1 5GP K . -18.97 1.72 0.80
C2 5GP K . -18.49 2.64 1.71
N2 5GP K . -19.41 3.23 2.51
N3 5GP K . -17.22 2.95 1.85
C4 5GP K . -16.43 2.27 0.98
P RI2 L . 22.73 -0.55 9.51
C1 RI2 L . 21.77 -1.85 14.47
O1 RI2 L . 21.53 -2.85 15.43
C2 RI2 L . 20.95 -0.63 14.82
O2 RI2 L . 19.73 -1.05 15.45
C3 RI2 L . 20.67 0.02 13.49
O3 RI2 L . 19.54 0.95 13.45
C4 RI2 L . 20.45 -1.21 12.62
O4 RI2 L . 21.28 -2.24 13.18
C5 RI2 L . 20.77 -0.95 11.17
O5 RI2 L . 22.14 -0.64 11.02
PA RI2 L . 22.62 -3.43 16.48
O1A RI2 L . 23.22 -4.61 15.70
O1P RI2 L . 21.99 0.49 8.70
O2A RI2 L . 23.58 -2.38 17.00
O2P RI2 L . 22.47 -1.94 8.97
O3A RI2 L . 21.97 -3.99 17.70
O3P RI2 L . 24.18 -0.23 9.68
K K M . 9.62 20.38 13.52
P 5GP N . 25.46 -13.03 36.07
O1P 5GP N . 26.85 -12.91 35.53
O2P 5GP N . 25.49 -13.98 37.21
O3P 5GP N . 24.60 -13.37 34.89
O5' 5GP N . 25.15 -11.56 36.59
C5' 5GP N . 26.07 -10.81 37.44
C4' 5GP N . 25.43 -10.46 38.77
O4' 5GP N . 24.22 -9.68 38.54
C3' 5GP N . 25.01 -11.62 39.68
O3' 5GP N . 25.25 -11.34 41.05
C2' 5GP N . 23.51 -11.77 39.38
O2' 5GP N . 22.72 -12.37 40.40
C1' 5GP N . 23.12 -10.31 39.15
N9 5GP N . 21.94 -10.11 38.30
C8 5GP N . 21.74 -10.56 37.02
N7 5GP N . 20.59 -10.19 36.53
C5 5GP N . 20.01 -9.43 37.54
C6 5GP N . 18.76 -8.75 37.57
O6 5GP N . 17.89 -8.68 36.69
N1 5GP N . 18.56 -8.11 38.79
C2 5GP N . 19.46 -8.11 39.84
N2 5GP N . 19.09 -7.41 40.94
N3 5GP N . 20.63 -8.73 39.81
C4 5GP N . 20.84 -9.36 38.64
P 5GP O . 2.04 -1.29 18.11
O1P 5GP O . 1.17 -0.03 18.20
O2P 5GP O . 3.45 -1.06 18.55
O3P 5GP O . 1.26 -2.39 18.75
O5' 5GP O . 2.16 -1.59 16.54
C5' 5GP O . 2.86 -2.76 16.01
C4' 5GP O . 2.53 -2.99 14.54
O4' 5GP O . 3.53 -3.89 13.97
C3' 5GP O . 1.17 -3.64 14.20
O3' 5GP O . 0.64 -3.06 13.00
C2' 5GP O . 1.50 -5.12 14.03
O2' 5GP O . 0.39 -5.81 13.42
C1' 5GP O . 2.90 -5.02 13.37
N9 5GP O . 3.84 -6.14 13.40
C8 5GP O . 4.29 -6.83 12.30
N7 5GP O . 5.16 -7.76 12.59
C5 5GP O . 5.35 -7.64 13.96
C6 5GP O . 6.18 -8.38 14.85
O6 5GP O . 6.95 -9.30 14.57
N1 5GP O . 6.04 -7.95 16.16
C2 5GP O . 5.21 -6.94 16.58
N2 5GP O . 5.23 -6.66 17.89
N3 5GP O . 4.44 -6.23 15.77
C4 5GP O . 4.55 -6.64 14.48
#